data_8XZ6
#
_entry.id   8XZ6
#
_cell.length_a   70.310
_cell.length_b   94.100
_cell.length_c   134.300
_cell.angle_alpha   90.00
_cell.angle_beta   93.28
_cell.angle_gamma   90.00
#
_symmetry.space_group_name_H-M   'P 1 21 1'
#
loop_
_entity.id
_entity.type
_entity.pdbx_description
1 polymer Radixin
2 polymer "Spike protein S2'"
3 water water
#
loop_
_entity_poly.entity_id
_entity_poly.type
_entity_poly.pdbx_seq_one_letter_code
_entity_poly.pdbx_strand_id
1 'polypeptide(L)'
;GSMPKPINVRVTTMDAELEFAIQPNTTGKQLFDQVVKTVGLREVWFFGLQYVDSKGYSTWLKLNKKVTQQDVKKENPLQF
KFRAKFFPEDVSEELIQEITQRLFFLQVKEAILNDEIYCPPETAVLLASYAVQAKYGDYNKEIHKPGYLANDRLLPQRVL
EQHKLTKEQWEERIQNWHEEHRGMLREDSMMEYLKIAQDLEMYGVNYFEIKNKKGTELWLGVDALGLNIYEHDDKLTPKI
GFPWSEIRNISFNDKKFVIKPIDKKAPDFVFYAPRLRINKRILALCMGNHELYMRRRK
;
A,B,C,D
2 'polypeptide(L)' NRCCDRYEEYDLE E,F,G,H
#
# COMPACT_ATOMS: atom_id res chain seq x y z
N GLY A 1 52.84 50.60 6.65
CA GLY A 1 52.68 49.21 7.01
C GLY A 1 51.50 48.60 6.29
N SER A 2 51.38 47.27 6.34
CA SER A 2 50.33 46.57 5.61
C SER A 2 50.39 45.08 5.96
N MET A 3 49.47 44.32 5.39
CA MET A 3 49.28 42.90 5.66
C MET A 3 48.98 42.19 4.36
N PRO A 4 49.24 40.89 4.28
CA PRO A 4 48.85 40.13 3.10
C PRO A 4 47.34 40.08 2.95
N LYS A 5 46.88 39.99 1.71
CA LYS A 5 45.46 39.94 1.37
C LYS A 5 45.14 38.56 0.78
N PRO A 6 44.89 37.56 1.62
CA PRO A 6 44.62 36.22 1.11
C PRO A 6 43.31 36.18 0.33
N ILE A 7 43.11 35.06 -0.37
CA ILE A 7 42.03 34.92 -1.33
C ILE A 7 41.45 33.52 -1.22
N ASN A 8 40.19 33.43 -0.80
CA ASN A 8 39.52 32.15 -0.61
C ASN A 8 39.09 31.57 -1.93
N VAL A 9 39.28 30.27 -2.10
CA VAL A 9 38.88 29.58 -3.30
C VAL A 9 38.19 28.29 -2.90
N ARG A 10 37.26 27.85 -3.75
CA ARG A 10 36.57 26.58 -3.59
C ARG A 10 36.81 25.77 -4.85
N VAL A 11 37.24 24.52 -4.68
CA VAL A 11 37.47 23.61 -5.80
C VAL A 11 36.67 22.34 -5.56
N THR A 12 35.83 21.98 -6.53
CA THR A 12 35.06 20.75 -6.47
C THR A 12 35.62 19.73 -7.46
N THR A 13 35.67 18.49 -7.04
CA THR A 13 35.83 17.39 -7.96
C THR A 13 34.45 16.81 -8.22
N MET A 14 34.40 15.65 -8.89
CA MET A 14 33.11 15.01 -9.12
C MET A 14 32.45 14.55 -7.82
N ASP A 15 33.20 14.39 -6.73
CA ASP A 15 32.61 13.87 -5.50
C ASP A 15 33.22 14.49 -4.24
N ALA A 16 33.90 15.64 -4.36
CA ALA A 16 34.57 16.20 -3.20
C ALA A 16 34.62 17.71 -3.35
N GLU A 17 34.74 18.38 -2.19
CA GLU A 17 34.81 19.84 -2.13
C GLU A 17 36.04 20.24 -1.33
N LEU A 18 36.82 21.17 -1.86
CA LEU A 18 37.99 21.72 -1.19
C LEU A 18 37.84 23.22 -1.02
N GLU A 19 38.30 23.74 0.12
CA GLU A 19 38.25 25.17 0.40
C GLU A 19 39.54 25.57 1.10
N PHE A 20 40.22 26.57 0.57
CA PHE A 20 41.44 27.09 1.18
C PHE A 20 41.76 28.44 0.56
N ALA A 21 42.79 29.09 1.10
CA ALA A 21 43.16 30.44 0.71
C ALA A 21 44.45 30.43 -0.10
N ILE A 22 44.56 31.40 -1.01
CA ILE A 22 45.73 31.55 -1.85
C ILE A 22 46.18 33.01 -1.77
N GLN A 23 47.26 33.32 -2.48
CA GLN A 23 47.90 34.63 -2.42
C GLN A 23 47.72 35.39 -3.73
N PRO A 24 47.76 36.73 -3.70
CA PRO A 24 47.71 37.51 -4.95
C PRO A 24 48.69 37.06 -6.02
N ASN A 25 49.80 36.41 -5.62
CA ASN A 25 50.79 35.95 -6.58
C ASN A 25 50.74 34.44 -6.79
N THR A 26 49.71 33.76 -6.30
CA THR A 26 49.62 32.31 -6.47
C THR A 26 49.35 31.97 -7.93
N THR A 27 50.14 31.06 -8.47
CA THR A 27 49.96 30.63 -9.86
C THR A 27 48.86 29.56 -9.95
N GLY A 28 48.32 29.40 -11.16
CA GLY A 28 47.38 28.33 -11.38
C GLY A 28 47.98 26.96 -11.13
N LYS A 29 49.25 26.78 -11.55
CA LYS A 29 49.92 25.50 -11.31
C LYS A 29 50.02 25.20 -9.82
N GLN A 30 50.33 26.22 -9.01
CA GLN A 30 50.38 26.04 -7.56
C GLN A 30 49.01 25.64 -7.01
N LEU A 31 47.93 26.25 -7.53
CA LEU A 31 46.60 25.83 -7.11
C LEU A 31 46.32 24.41 -7.56
N PHE A 32 46.62 24.10 -8.81
CA PHE A 32 46.43 22.75 -9.34
C PHE A 32 47.20 21.73 -8.51
N ASP A 33 48.47 22.02 -8.21
CA ASP A 33 49.28 21.05 -7.49
C ASP A 33 48.78 20.83 -6.06
N GLN A 34 48.22 21.87 -5.43
CA GLN A 34 47.66 21.67 -4.10
C GLN A 34 46.36 20.88 -4.17
N VAL A 35 45.57 21.07 -5.22
CA VAL A 35 44.35 20.29 -5.40
C VAL A 35 44.68 18.80 -5.51
N VAL A 36 45.57 18.44 -6.44
CA VAL A 36 45.85 17.02 -6.63
C VAL A 36 46.64 16.42 -5.48
N LYS A 37 47.39 17.23 -4.74
CA LYS A 37 48.08 16.69 -3.56
C LYS A 37 47.07 16.25 -2.50
N THR A 38 46.05 17.08 -2.24
CA THR A 38 45.13 16.78 -1.14
C THR A 38 44.26 15.57 -1.44
N VAL A 39 43.97 15.30 -2.71
CA VAL A 39 43.14 14.15 -3.08
C VAL A 39 43.96 12.96 -3.53
N GLY A 40 45.28 13.10 -3.62
CA GLY A 40 46.13 11.96 -3.90
C GLY A 40 46.09 11.47 -5.33
N LEU A 41 45.99 12.39 -6.29
CA LEU A 41 45.95 12.04 -7.70
C LEU A 41 47.31 12.29 -8.33
N ARG A 42 47.86 11.26 -9.00
CA ARG A 42 49.12 11.41 -9.70
C ARG A 42 48.99 11.43 -11.22
N GLU A 43 47.88 10.93 -11.76
CA GLU A 43 47.63 10.95 -13.20
C GLU A 43 47.00 12.29 -13.59
N VAL A 44 47.80 13.35 -13.42
CA VAL A 44 47.30 14.72 -13.48
C VAL A 44 47.21 15.28 -14.90
N TRP A 45 47.90 14.68 -15.87
CA TRP A 45 47.93 15.24 -17.22
C TRP A 45 46.57 15.24 -17.90
N PHE A 46 45.58 14.51 -17.38
CA PHE A 46 44.25 14.52 -17.98
C PHE A 46 43.42 15.72 -17.56
N PHE A 47 43.77 16.39 -16.46
CA PHE A 47 42.82 17.25 -15.77
C PHE A 47 43.19 18.71 -15.93
N GLY A 48 42.21 19.56 -15.67
CA GLY A 48 42.41 21.00 -15.57
C GLY A 48 41.44 21.54 -14.54
N LEU A 49 41.51 22.86 -14.32
CA LEU A 49 40.60 23.58 -13.43
C LEU A 49 39.72 24.50 -14.25
N GLN A 50 38.41 24.32 -14.12
CA GLN A 50 37.42 25.10 -14.84
C GLN A 50 36.93 26.25 -13.97
N TYR A 51 36.80 27.42 -14.56
CA TYR A 51 36.21 28.56 -13.86
C TYR A 51 35.29 29.30 -14.82
N VAL A 52 34.59 30.28 -14.27
CA VAL A 52 33.70 31.16 -15.02
C VAL A 52 34.28 32.56 -14.96
N ASP A 53 34.39 33.20 -16.12
CA ASP A 53 34.94 34.58 -16.22
C ASP A 53 33.91 35.64 -15.81
N SER A 54 34.32 36.91 -15.80
CA SER A 54 33.45 38.02 -15.38
C SER A 54 32.17 38.07 -16.21
N LYS A 55 32.21 37.56 -17.44
CA LYS A 55 31.05 37.62 -18.35
C LYS A 55 30.31 36.27 -18.41
N GLY A 56 30.59 35.34 -17.50
CA GLY A 56 29.88 34.09 -17.46
C GLY A 56 30.36 33.03 -18.44
N TYR A 57 31.54 33.19 -19.04
CA TYR A 57 32.06 32.23 -19.99
C TYR A 57 32.92 31.18 -19.29
N SER A 58 32.63 29.90 -19.54
CA SER A 58 33.41 28.81 -18.96
C SER A 58 34.81 28.77 -19.57
N THR A 59 35.82 28.52 -18.73
CA THR A 59 37.21 28.71 -19.11
C THR A 59 38.09 27.73 -18.36
N TRP A 60 39.10 27.20 -19.06
CA TRP A 60 40.16 26.43 -18.41
C TRP A 60 41.22 27.36 -17.83
N LEU A 61 41.50 27.21 -16.55
CA LEU A 61 42.50 28.05 -15.89
C LEU A 61 43.88 27.76 -16.45
N LYS A 62 44.59 28.80 -16.87
CA LYS A 62 45.95 28.62 -17.39
C LYS A 62 46.92 28.50 -16.22
N LEU A 63 47.67 27.39 -16.18
CA LEU A 63 48.50 27.08 -15.03
C LEU A 63 49.77 27.91 -14.97
N ASN A 64 50.16 28.54 -16.07
CA ASN A 64 51.35 29.38 -16.10
C ASN A 64 51.05 30.85 -15.84
N LYS A 65 49.87 31.17 -15.31
CA LYS A 65 49.52 32.54 -14.96
C LYS A 65 48.94 32.57 -13.55
N LYS A 66 48.88 33.78 -12.99
CA LYS A 66 48.37 33.94 -11.64
C LYS A 66 46.86 33.72 -11.62
N VAL A 67 46.40 33.06 -10.56
CA VAL A 67 44.98 32.76 -10.44
C VAL A 67 44.14 34.02 -10.48
N THR A 68 44.63 35.10 -9.86
CA THR A 68 43.87 36.35 -9.78
C THR A 68 44.04 37.21 -11.02
N GLN A 69 44.81 36.78 -12.01
CA GLN A 69 45.03 37.60 -13.20
C GLN A 69 44.45 36.94 -14.44
N GLN A 70 43.28 36.31 -14.32
CA GLN A 70 42.66 35.59 -15.48
C GLN A 70 41.16 35.91 -15.58
N ASP A 71 40.68 36.97 -14.93
CA ASP A 71 39.26 37.45 -14.97
C ASP A 71 38.30 36.37 -14.47
N VAL A 72 38.74 35.63 -13.46
CA VAL A 72 37.86 34.75 -12.65
C VAL A 72 36.81 35.64 -11.98
N LYS A 73 35.59 35.14 -11.82
CA LYS A 73 34.48 35.97 -11.28
C LYS A 73 34.61 36.29 -9.81
N LYS A 74 33.94 37.35 -9.37
CA LYS A 74 33.91 37.80 -7.96
C LYS A 74 33.03 36.96 -7.06
N GLU A 75 33.62 36.23 -6.17
CA GLU A 75 32.83 35.47 -5.20
C GLU A 75 33.79 35.40 -4.03
N ASN A 76 33.26 35.46 -2.81
CA ASN A 76 34.27 35.50 -1.76
C ASN A 76 35.10 34.24 -1.85
N PRO A 77 34.50 33.05 -1.90
CA PRO A 77 35.29 31.91 -2.40
C PRO A 77 35.21 31.90 -3.92
N LEU A 78 36.36 31.96 -4.57
CA LEU A 78 36.40 31.69 -6.00
C LEU A 78 36.00 30.24 -6.23
N GLN A 79 35.32 29.99 -7.34
CA GLN A 79 34.74 28.68 -7.63
C GLN A 79 35.47 28.05 -8.81
N PHE A 80 36.08 26.89 -8.57
CA PHE A 80 36.74 26.11 -9.61
C PHE A 80 36.15 24.71 -9.65
N LYS A 81 36.12 24.14 -10.86
CA LYS A 81 35.75 22.75 -11.06
C LYS A 81 36.95 21.97 -11.57
N PHE A 82 37.36 20.96 -10.82
CA PHE A 82 38.45 20.08 -11.22
C PHE A 82 37.86 18.97 -12.10
N ARG A 83 38.20 18.99 -13.39
CA ARG A 83 37.57 18.07 -14.34
C ARG A 83 38.60 17.54 -15.33
N ALA A 84 38.23 16.46 -16.02
CA ALA A 84 39.07 15.94 -17.09
C ALA A 84 38.86 16.77 -18.35
N LYS A 85 39.96 17.30 -18.88
CA LYS A 85 39.99 17.98 -20.18
C LYS A 85 40.35 17.03 -21.32
N PHE A 86 41.19 16.04 -21.05
CA PHE A 86 41.59 15.06 -22.04
C PHE A 86 41.17 13.67 -21.57
N PHE A 87 40.91 12.79 -22.53
CA PHE A 87 40.41 11.46 -22.23
C PHE A 87 41.35 10.41 -22.81
N PRO A 88 41.62 9.34 -22.08
CA PRO A 88 42.59 8.35 -22.56
C PRO A 88 42.08 7.66 -23.81
N GLU A 89 43.01 7.09 -24.58
CA GLU A 89 42.61 6.26 -25.70
C GLU A 89 42.07 4.93 -25.23
N ASP A 90 42.45 4.49 -24.04
CA ASP A 90 42.11 3.17 -23.53
C ASP A 90 42.14 3.24 -22.01
N VAL A 91 40.96 3.18 -21.41
CA VAL A 91 40.85 3.43 -19.97
C VAL A 91 41.55 2.32 -19.18
N SER A 92 41.46 1.06 -19.65
CA SER A 92 42.00 -0.04 -18.87
C SER A 92 43.53 0.03 -18.80
N GLU A 93 44.16 0.58 -19.84
CA GLU A 93 45.61 0.73 -19.84
C GLU A 93 46.10 2.00 -19.16
N GLU A 94 45.30 3.07 -19.09
CA GLU A 94 45.81 4.38 -18.73
C GLU A 94 45.34 4.91 -17.38
N LEU A 95 44.29 4.34 -16.81
CA LEU A 95 43.73 4.82 -15.54
C LEU A 95 44.11 3.80 -14.48
N ILE A 96 45.13 4.10 -13.70
CA ILE A 96 45.73 3.16 -12.75
C ILE A 96 45.21 3.38 -11.34
N GLN A 97 45.26 4.62 -10.85
CA GLN A 97 44.76 4.92 -9.51
C GLN A 97 43.24 4.79 -9.45
N GLU A 98 42.75 4.40 -8.27
CA GLU A 98 41.31 4.27 -8.08
C GLU A 98 40.63 5.64 -8.05
N ILE A 99 41.33 6.67 -7.58
CA ILE A 99 40.75 8.02 -7.60
C ILE A 99 40.52 8.48 -9.03
N THR A 100 41.51 8.29 -9.90
CA THR A 100 41.39 8.68 -11.29
C THR A 100 40.25 7.94 -11.99
N GLN A 101 40.16 6.62 -11.79
CA GLN A 101 39.08 5.85 -12.39
C GLN A 101 37.73 6.35 -11.92
N ARG A 102 37.57 6.57 -10.62
CA ARG A 102 36.29 7.02 -10.09
C ARG A 102 35.92 8.39 -10.62
N LEU A 103 36.91 9.29 -10.75
CA LEU A 103 36.60 10.64 -11.23
C LEU A 103 36.19 10.61 -12.70
N PHE A 104 36.91 9.84 -13.53
CA PHE A 104 36.49 9.68 -14.92
C PHE A 104 35.11 9.04 -15.01
N PHE A 105 34.88 7.98 -14.22
CA PHE A 105 33.57 7.34 -14.20
C PHE A 105 32.47 8.35 -13.90
N LEU A 106 32.64 9.13 -12.83
CA LEU A 106 31.61 10.08 -12.46
C LEU A 106 31.41 11.13 -13.54
N GLN A 107 32.49 11.60 -14.15
CA GLN A 107 32.36 12.64 -15.17
C GLN A 107 31.74 12.09 -16.45
N VAL A 108 32.17 10.91 -16.88
CA VAL A 108 31.59 10.33 -18.09
C VAL A 108 30.13 9.96 -17.87
N LYS A 109 29.79 9.45 -16.69
CA LYS A 109 28.39 9.08 -16.45
C LYS A 109 27.51 10.33 -16.46
N GLU A 110 28.00 11.43 -15.88
CA GLU A 110 27.29 12.70 -15.95
C GLU A 110 27.04 13.12 -17.39
N ALA A 111 28.08 13.05 -18.24
CA ALA A 111 27.89 13.43 -19.65
C ALA A 111 26.86 12.55 -20.33
N ILE A 112 26.87 11.24 -20.05
CA ILE A 112 25.93 10.34 -20.70
C ILE A 112 24.51 10.63 -20.26
N LEU A 113 24.30 10.77 -18.95
CA LEU A 113 22.96 11.05 -18.44
C LEU A 113 22.50 12.44 -18.83
N ASN A 114 23.40 13.33 -19.21
CA ASN A 114 23.04 14.65 -19.74
C ASN A 114 22.85 14.65 -21.25
N ASP A 115 22.78 13.47 -21.89
CA ASP A 115 22.50 13.37 -23.33
C ASP A 115 23.59 14.00 -24.20
N GLU A 116 24.83 14.06 -23.69
CA GLU A 116 25.95 14.54 -24.50
C GLU A 116 26.49 13.46 -25.44
N ILE A 117 26.32 12.19 -25.12
CA ILE A 117 26.90 11.09 -25.88
C ILE A 117 25.76 10.19 -26.31
N TYR A 118 25.51 10.12 -27.62
CA TYR A 118 24.44 9.24 -28.09
C TYR A 118 24.70 7.80 -27.68
N CYS A 119 23.65 7.17 -27.20
CA CYS A 119 23.77 5.83 -26.62
C CYS A 119 22.63 4.95 -27.10
N PRO A 120 22.92 3.83 -27.76
CA PRO A 120 21.86 2.87 -28.11
C PRO A 120 21.20 2.33 -26.85
N PRO A 121 19.88 2.10 -26.89
CA PRO A 121 19.16 1.80 -25.64
C PRO A 121 19.70 0.60 -24.88
N GLU A 122 20.05 -0.48 -25.58
CA GLU A 122 20.57 -1.65 -24.87
C GLU A 122 21.94 -1.36 -24.27
N THR A 123 22.73 -0.48 -24.90
CA THR A 123 23.98 -0.05 -24.28
C THR A 123 23.70 0.79 -23.05
N ALA A 124 22.73 1.72 -23.16
CA ALA A 124 22.38 2.57 -22.02
C ALA A 124 21.97 1.73 -20.82
N VAL A 125 21.21 0.66 -21.06
CA VAL A 125 20.75 -0.21 -19.97
C VAL A 125 21.92 -0.94 -19.35
N LEU A 126 22.83 -1.46 -20.18
CA LEU A 126 24.01 -2.13 -19.65
C LEU A 126 24.88 -1.13 -18.87
N LEU A 127 25.00 0.10 -19.37
CA LEU A 127 25.73 1.14 -18.64
C LEU A 127 25.13 1.36 -17.26
N ALA A 128 23.81 1.58 -17.19
CA ALA A 128 23.13 1.79 -15.92
C ALA A 128 23.33 0.63 -14.95
N SER A 129 23.36 -0.60 -15.45
CA SER A 129 23.51 -1.75 -14.56
C SER A 129 24.86 -1.74 -13.87
N TYR A 130 25.91 -1.37 -14.60
CA TYR A 130 27.22 -1.23 -13.96
C TYR A 130 27.21 -0.07 -12.96
N ALA A 131 26.53 1.03 -13.29
CA ALA A 131 26.45 2.13 -12.33
C ALA A 131 25.67 1.72 -11.10
N VAL A 132 24.67 0.84 -11.28
CA VAL A 132 23.93 0.31 -10.14
C VAL A 132 24.81 -0.61 -9.30
N GLN A 133 25.57 -1.49 -9.95
CA GLN A 133 26.44 -2.39 -9.20
C GLN A 133 27.51 -1.62 -8.42
N ALA A 134 28.02 -0.54 -8.99
CA ALA A 134 29.01 0.27 -8.29
C ALA A 134 28.41 0.98 -7.09
N LYS A 135 27.15 1.40 -7.18
CA LYS A 135 26.51 2.16 -6.12
C LYS A 135 25.89 1.26 -5.05
N TYR A 136 25.13 0.25 -5.47
CA TYR A 136 24.41 -0.62 -4.53
C TYR A 136 25.22 -1.83 -4.08
N GLY A 137 26.21 -2.26 -4.85
CA GLY A 137 26.87 -3.51 -4.58
C GLY A 137 26.07 -4.68 -5.14
N ASP A 138 26.36 -5.86 -4.60
CA ASP A 138 25.76 -7.09 -5.13
C ASP A 138 24.24 -7.05 -5.00
N TYR A 139 23.57 -7.47 -6.07
CA TYR A 139 22.13 -7.60 -6.01
C TYR A 139 21.73 -8.63 -4.98
N ASN A 140 20.70 -8.30 -4.18
CA ASN A 140 20.11 -9.21 -3.22
C ASN A 140 18.61 -9.05 -3.26
N LYS A 141 17.89 -10.14 -3.57
CA LYS A 141 16.43 -10.05 -3.74
C LYS A 141 15.73 -9.74 -2.43
N GLU A 142 16.35 -10.10 -1.30
CA GLU A 142 15.76 -9.80 -0.01
C GLU A 142 16.04 -8.38 0.47
N ILE A 143 16.96 -7.67 -0.18
CA ILE A 143 17.29 -6.28 0.16
C ILE A 143 16.79 -5.31 -0.91
N HIS A 144 17.03 -5.64 -2.18
CA HIS A 144 16.60 -4.80 -3.29
C HIS A 144 15.25 -5.30 -3.77
N LYS A 145 14.19 -4.81 -3.14
CA LYS A 145 12.83 -5.17 -3.49
C LYS A 145 12.42 -4.48 -4.78
N PRO A 146 11.33 -4.93 -5.41
CA PRO A 146 10.84 -4.27 -6.62
C PRO A 146 10.64 -2.78 -6.38
N GLY A 147 11.09 -1.97 -7.35
CA GLY A 147 11.09 -0.53 -7.22
C GLY A 147 12.30 0.07 -6.54
N TYR A 148 13.35 -0.73 -6.27
CA TYR A 148 14.51 -0.18 -5.57
C TYR A 148 15.29 0.81 -6.42
N LEU A 149 15.09 0.80 -7.74
CA LEU A 149 15.69 1.76 -8.65
C LEU A 149 14.75 2.90 -9.03
N ALA A 150 13.63 3.05 -8.33
CA ALA A 150 12.55 3.92 -8.80
C ALA A 150 12.94 5.39 -8.78
N ASN A 151 13.81 5.79 -7.85
CA ASN A 151 14.23 7.19 -7.73
C ASN A 151 15.62 7.44 -8.29
N ASP A 152 16.23 6.44 -8.93
CA ASP A 152 17.54 6.63 -9.53
C ASP A 152 17.41 7.27 -10.91
N ARG A 153 18.25 8.26 -11.17
CA ARG A 153 18.47 8.73 -12.53
C ARG A 153 19.35 7.71 -13.24
N LEU A 154 18.76 6.96 -14.17
CA LEU A 154 19.38 5.76 -14.72
C LEU A 154 19.73 5.87 -16.19
N LEU A 155 18.91 6.56 -16.98
CA LEU A 155 19.06 6.56 -18.42
C LEU A 155 19.06 7.98 -18.97
N PRO A 156 19.72 8.21 -20.10
CA PRO A 156 19.63 9.52 -20.74
C PRO A 156 18.22 9.78 -21.26
N GLN A 157 17.80 11.05 -21.17
CA GLN A 157 16.43 11.41 -21.55
C GLN A 157 16.13 11.02 -22.99
N ARG A 158 17.10 11.19 -23.88
CA ARG A 158 16.80 10.92 -25.28
C ARG A 158 16.72 9.44 -25.59
N VAL A 159 17.27 8.56 -24.73
CA VAL A 159 17.00 7.14 -24.87
C VAL A 159 15.54 6.86 -24.54
N LEU A 160 15.00 7.56 -23.52
CA LEU A 160 13.62 7.35 -23.13
C LEU A 160 12.64 7.90 -24.15
N GLU A 161 13.05 8.90 -24.89
CA GLU A 161 12.08 9.54 -25.80
C GLU A 161 11.96 8.69 -27.07
N GLN A 162 12.98 7.93 -27.43
CA GLN A 162 12.94 7.20 -28.72
C GLN A 162 12.43 5.79 -28.54
N HIS A 163 13.01 5.04 -27.61
CA HIS A 163 12.61 3.63 -27.39
C HIS A 163 11.51 3.68 -26.34
N LYS A 164 10.31 3.23 -26.69
CA LYS A 164 9.18 3.41 -25.73
C LYS A 164 8.93 2.19 -24.85
N LEU A 165 9.23 2.30 -23.57
CA LEU A 165 8.87 1.29 -22.57
C LEU A 165 8.41 2.04 -21.32
N THR A 166 7.83 1.32 -20.36
CA THR A 166 7.41 1.99 -19.14
C THR A 166 8.59 2.10 -18.18
N LYS A 167 8.45 3.02 -17.21
CA LYS A 167 9.49 3.22 -16.21
C LYS A 167 9.88 1.89 -15.56
N GLU A 168 8.89 1.06 -15.23
CA GLU A 168 9.18 -0.19 -14.54
C GLU A 168 9.83 -1.22 -15.44
N GLN A 169 9.54 -1.20 -16.74
CA GLN A 169 10.20 -2.12 -17.67
C GLN A 169 11.69 -1.82 -17.76
N TRP A 170 12.05 -0.53 -17.95
CA TRP A 170 13.44 -0.13 -17.96
C TRP A 170 14.17 -0.64 -16.72
N GLU A 171 13.59 -0.40 -15.54
CA GLU A 171 14.24 -0.79 -14.30
C GLU A 171 14.35 -2.30 -14.16
N GLU A 172 13.36 -3.03 -14.65
CA GLU A 172 13.45 -4.48 -14.60
C GLU A 172 14.59 -4.99 -15.48
N ARG A 173 14.74 -4.42 -16.68
CA ARG A 173 15.87 -4.77 -17.53
C ARG A 173 17.19 -4.40 -16.86
N ILE A 174 17.26 -3.22 -16.24
CA ILE A 174 18.48 -2.83 -15.53
C ILE A 174 18.73 -3.78 -14.36
N GLN A 175 17.68 -4.11 -13.61
CA GLN A 175 17.84 -5.03 -12.49
C GLN A 175 18.31 -6.40 -12.96
N ASN A 176 17.82 -6.85 -14.13
CA ASN A 176 18.24 -8.15 -14.63
C ASN A 176 19.73 -8.18 -14.95
N TRP A 177 20.28 -7.08 -15.45
CA TRP A 177 21.72 -7.02 -15.65
C TRP A 177 22.45 -6.85 -14.31
N HIS A 178 21.82 -6.17 -13.35
CA HIS A 178 22.43 -6.04 -12.03
C HIS A 178 22.69 -7.41 -11.41
N GLU A 179 21.72 -8.33 -11.55
CA GLU A 179 21.87 -9.68 -11.00
C GLU A 179 23.12 -10.37 -11.53
N GLU A 180 23.37 -10.29 -12.83
CA GLU A 180 24.49 -11.02 -13.39
C GLU A 180 25.85 -10.47 -12.95
N HIS A 181 25.89 -9.31 -12.29
CA HIS A 181 27.14 -8.75 -11.81
C HIS A 181 27.48 -9.18 -10.38
N ARG A 182 26.89 -10.29 -9.90
CA ARG A 182 27.03 -10.66 -8.49
C ARG A 182 28.48 -10.75 -8.02
N GLY A 183 29.44 -10.87 -8.92
CA GLY A 183 30.82 -10.93 -8.45
C GLY A 183 31.53 -9.60 -8.35
N MET A 184 30.98 -8.56 -8.95
CA MET A 184 31.75 -7.39 -9.34
C MET A 184 32.03 -6.45 -8.17
N LEU A 185 33.30 -6.14 -7.96
CA LEU A 185 33.68 -5.09 -7.02
C LEU A 185 33.28 -3.72 -7.55
N ARG A 186 32.97 -2.82 -6.61
CA ARG A 186 32.60 -1.45 -6.96
C ARG A 186 33.60 -0.83 -7.93
N GLU A 187 34.90 -0.96 -7.63
CA GLU A 187 35.93 -0.38 -8.49
C GLU A 187 35.95 -1.07 -9.86
N ASP A 188 35.75 -2.38 -9.89
CA ASP A 188 35.67 -3.08 -11.17
C ASP A 188 34.47 -2.63 -11.99
N SER A 189 33.35 -2.33 -11.31
CA SER A 189 32.13 -1.91 -11.99
C SER A 189 32.34 -0.63 -12.78
N MET A 190 32.90 0.40 -12.14
CA MET A 190 33.09 1.67 -12.82
C MET A 190 33.99 1.52 -14.04
N MET A 191 34.94 0.57 -14.00
CA MET A 191 35.81 0.33 -15.14
C MET A 191 35.08 -0.34 -16.30
N GLU A 192 34.25 -1.35 -16.01
CA GLU A 192 33.40 -1.93 -17.05
C GLU A 192 32.55 -0.86 -17.71
N TYR A 193 31.93 0.01 -16.90
CA TYR A 193 31.21 1.16 -17.42
C TYR A 193 32.07 1.96 -18.39
N LEU A 194 33.27 2.37 -17.94
CA LEU A 194 34.16 3.15 -18.79
C LEU A 194 34.54 2.37 -20.04
N LYS A 195 34.80 1.07 -19.91
CA LYS A 195 35.20 0.29 -21.09
C LYS A 195 34.10 0.27 -22.13
N ILE A 196 32.85 0.37 -21.69
CA ILE A 196 31.71 0.43 -22.62
C ILE A 196 31.54 1.83 -23.17
N ALA A 197 31.57 2.83 -22.28
CA ALA A 197 31.34 4.20 -22.73
C ALA A 197 32.39 4.65 -23.73
N GLN A 198 33.65 4.22 -23.55
CA GLN A 198 34.73 4.77 -24.37
C GLN A 198 34.65 4.31 -25.82
N ASP A 199 33.84 3.30 -26.14
CA ASP A 199 33.65 2.86 -27.51
C ASP A 199 32.50 3.56 -28.21
N LEU A 200 31.71 4.36 -27.48
CA LEU A 200 30.66 5.11 -28.14
C LEU A 200 31.28 6.16 -29.07
N GLU A 201 30.60 6.39 -30.20
CA GLU A 201 31.18 7.24 -31.24
C GLU A 201 31.41 8.67 -30.77
N MET A 202 30.53 9.19 -29.91
CA MET A 202 30.65 10.59 -29.47
C MET A 202 31.48 10.73 -28.20
N TYR A 203 31.90 9.61 -27.61
CA TYR A 203 32.72 9.67 -26.40
C TYR A 203 34.05 10.36 -26.69
N GLY A 204 34.43 11.27 -25.80
CA GLY A 204 35.73 11.91 -25.88
C GLY A 204 35.86 12.93 -26.98
N VAL A 205 34.76 13.36 -27.58
CA VAL A 205 34.82 14.30 -28.69
C VAL A 205 34.39 15.67 -28.22
N ASN A 206 35.23 16.68 -28.46
CA ASN A 206 34.87 18.08 -28.24
C ASN A 206 34.30 18.64 -29.54
N TYR A 207 33.03 19.05 -29.51
CA TYR A 207 32.29 19.49 -30.69
C TYR A 207 32.23 21.01 -30.75
N PHE A 208 32.44 21.56 -31.95
CA PHE A 208 32.33 22.99 -32.15
C PHE A 208 31.53 23.25 -33.41
N GLU A 209 30.68 24.28 -33.37
CA GLU A 209 29.89 24.68 -34.53
C GLU A 209 30.71 25.55 -35.45
N ILE A 210 30.74 25.20 -36.72
CA ILE A 210 31.59 25.86 -37.71
C ILE A 210 30.87 25.88 -39.04
N LYS A 211 31.45 26.59 -40.00
CA LYS A 211 30.98 26.60 -41.39
C LYS A 211 32.18 26.47 -42.31
N ASN A 212 31.93 26.04 -43.54
CA ASN A 212 32.96 26.07 -44.57
C ASN A 212 32.79 27.34 -45.41
N LYS A 213 33.62 27.47 -46.44
CA LYS A 213 33.62 28.70 -47.23
C LYS A 213 32.27 28.97 -47.88
N LYS A 214 31.62 27.94 -48.40
CA LYS A 214 30.31 28.14 -49.02
C LYS A 214 29.22 28.43 -48.00
N GLY A 215 29.48 28.13 -46.71
CA GLY A 215 28.60 28.51 -45.62
C GLY A 215 27.84 27.37 -45.00
N THR A 216 28.07 26.14 -45.43
CA THR A 216 27.42 24.98 -44.85
C THR A 216 27.78 24.84 -43.37
N GLU A 217 26.77 24.69 -42.52
CA GLU A 217 26.97 24.49 -41.09
C GLU A 217 27.45 23.07 -40.84
N LEU A 218 28.62 22.95 -40.22
CA LEU A 218 29.23 21.66 -39.91
C LEU A 218 29.58 21.59 -38.44
N TRP A 219 29.97 20.40 -37.99
CA TRP A 219 30.54 20.22 -36.66
C TRP A 219 32.02 19.86 -36.79
N LEU A 220 32.84 20.47 -35.95
CA LEU A 220 34.25 20.14 -35.83
C LEU A 220 34.45 19.37 -34.55
N GLY A 221 35.05 18.19 -34.64
CA GLY A 221 35.37 17.37 -33.49
C GLY A 221 36.86 17.40 -33.23
N VAL A 222 37.25 17.45 -31.95
CA VAL A 222 38.63 17.25 -31.51
C VAL A 222 38.61 16.12 -30.49
N ASP A 223 39.41 15.08 -30.72
CA ASP A 223 39.48 14.00 -29.75
C ASP A 223 40.92 13.53 -29.64
N ALA A 224 41.11 12.47 -28.85
CA ALA A 224 42.46 12.00 -28.56
C ALA A 224 43.23 11.65 -29.81
N LEU A 225 42.53 11.37 -30.92
CA LEU A 225 43.14 10.80 -32.12
C LEU A 225 43.31 11.81 -33.24
N GLY A 226 42.71 12.98 -33.15
CA GLY A 226 42.81 13.90 -34.26
C GLY A 226 41.55 14.73 -34.37
N LEU A 227 41.28 15.19 -35.59
CA LEU A 227 40.14 16.04 -35.88
C LEU A 227 39.16 15.31 -36.78
N ASN A 228 37.89 15.72 -36.69
CA ASN A 228 36.85 15.18 -37.56
C ASN A 228 35.88 16.28 -37.95
N ILE A 229 35.34 16.16 -39.15
CA ILE A 229 34.27 17.04 -39.63
C ILE A 229 32.99 16.23 -39.76
N TYR A 230 31.90 16.77 -39.22
CA TYR A 230 30.59 16.12 -39.27
C TYR A 230 29.60 17.02 -40.00
N GLU A 231 28.65 16.39 -40.69
CA GLU A 231 27.52 17.14 -41.21
C GLU A 231 26.65 17.63 -40.05
N HIS A 232 25.87 18.69 -40.31
CA HIS A 232 25.17 19.38 -39.23
C HIS A 232 24.25 18.45 -38.45
N ASP A 233 23.68 17.44 -39.11
CA ASP A 233 22.67 16.57 -38.49
C ASP A 233 23.23 15.22 -38.05
N ASP A 234 24.55 15.03 -38.05
CA ASP A 234 25.08 13.72 -37.65
C ASP A 234 26.41 13.95 -36.92
N LYS A 235 26.33 14.05 -35.60
CA LYS A 235 27.50 14.13 -34.75
C LYS A 235 28.10 12.78 -34.42
N LEU A 236 27.50 11.69 -34.90
CA LEU A 236 27.99 10.34 -34.60
C LEU A 236 29.19 9.97 -35.45
N THR A 237 29.04 10.06 -36.77
CA THR A 237 29.96 9.44 -37.70
C THR A 237 30.61 10.55 -38.53
N PRO A 238 31.92 10.75 -38.40
CA PRO A 238 32.60 11.77 -39.20
C PRO A 238 32.35 11.59 -40.69
N LYS A 239 32.31 12.71 -41.40
CA LYS A 239 32.34 12.67 -42.86
C LYS A 239 33.76 12.78 -43.40
N ILE A 240 34.62 13.54 -42.74
CA ILE A 240 36.04 13.64 -43.08
C ILE A 240 36.84 13.46 -41.80
N GLY A 241 37.88 12.63 -41.86
CA GLY A 241 38.74 12.36 -40.72
C GLY A 241 40.09 13.04 -40.91
N PHE A 242 40.67 13.51 -39.82
CA PHE A 242 41.99 14.13 -39.84
C PHE A 242 42.82 13.53 -38.71
N PRO A 243 43.29 12.29 -38.88
CA PRO A 243 44.19 11.71 -37.88
C PRO A 243 45.46 12.53 -37.79
N TRP A 244 46.07 12.54 -36.60
CA TRP A 244 47.31 13.28 -36.40
C TRP A 244 48.34 12.99 -37.48
N SER A 245 48.55 11.69 -37.78
CA SER A 245 49.60 11.29 -38.73
C SER A 245 49.39 11.85 -40.14
N GLU A 246 48.20 12.34 -40.47
CA GLU A 246 47.96 12.97 -41.76
C GLU A 246 48.08 14.48 -41.71
N ILE A 247 48.06 15.07 -40.53
CA ILE A 247 48.10 16.51 -40.37
C ILE A 247 49.55 16.97 -40.29
N ARG A 248 49.92 17.94 -41.11
CA ARG A 248 51.24 18.55 -41.00
C ARG A 248 51.24 19.84 -40.20
N ASN A 249 50.13 20.57 -40.19
CA ASN A 249 50.07 21.89 -39.57
C ASN A 249 48.62 22.39 -39.41
N ILE A 250 48.28 22.86 -38.21
CA ILE A 250 47.00 23.52 -37.98
C ILE A 250 47.27 24.94 -37.52
N SER A 251 46.48 25.88 -38.01
CA SER A 251 46.67 27.29 -37.70
C SER A 251 45.34 28.00 -37.88
N PHE A 252 45.23 29.16 -37.25
CA PHE A 252 44.07 30.01 -37.43
C PHE A 252 44.48 31.47 -37.42
N ASN A 253 43.69 32.29 -38.11
CA ASN A 253 43.81 33.74 -38.07
C ASN A 253 42.42 34.31 -37.90
N ASP A 254 42.16 34.92 -36.74
CA ASP A 254 40.83 35.33 -36.33
C ASP A 254 39.88 34.14 -36.43
N LYS A 255 38.93 34.20 -37.37
CA LYS A 255 37.90 33.17 -37.48
C LYS A 255 38.27 32.06 -38.45
N LYS A 256 39.28 32.26 -39.30
CA LYS A 256 39.64 31.28 -40.31
C LYS A 256 40.61 30.26 -39.73
N PHE A 257 40.21 29.00 -39.74
CA PHE A 257 41.05 27.89 -39.31
C PHE A 257 41.47 27.08 -40.52
N VAL A 258 42.73 26.63 -40.53
CA VAL A 258 43.28 25.91 -41.67
C VAL A 258 44.00 24.66 -41.18
N ILE A 259 43.66 23.51 -41.77
CA ILE A 259 44.35 22.25 -41.51
C ILE A 259 45.12 21.88 -42.78
N LYS A 260 46.43 21.70 -42.64
CA LYS A 260 47.27 21.40 -43.80
C LYS A 260 47.78 19.96 -43.73
N PRO A 261 47.69 19.21 -44.82
CA PRO A 261 48.08 17.80 -44.79
C PRO A 261 49.57 17.56 -45.06
N ILE A 262 50.05 16.47 -44.47
CA ILE A 262 51.41 16.00 -44.75
C ILE A 262 51.58 15.70 -46.24
N ASP A 263 50.60 15.04 -46.83
CA ASP A 263 50.60 14.79 -48.27
C ASP A 263 50.18 16.06 -48.99
N LYS A 264 51.15 16.73 -49.63
CA LYS A 264 50.84 17.96 -50.36
C LYS A 264 49.86 17.73 -51.51
N LYS A 265 49.68 16.48 -51.94
CA LYS A 265 48.72 16.20 -53.01
C LYS A 265 47.29 16.43 -52.54
N ALA A 266 47.02 16.29 -51.25
CA ALA A 266 45.69 16.50 -50.69
C ALA A 266 45.43 17.99 -50.48
N PRO A 267 44.17 18.42 -50.59
CA PRO A 267 43.87 19.85 -50.41
C PRO A 267 43.78 20.23 -48.95
N ASP A 268 44.27 21.44 -48.65
CA ASP A 268 44.07 22.02 -47.33
C ASP A 268 42.58 22.05 -47.00
N PHE A 269 42.27 21.86 -45.71
CA PHE A 269 40.91 22.01 -45.24
C PHE A 269 40.79 23.31 -44.46
N VAL A 270 39.78 24.09 -44.80
CA VAL A 270 39.56 25.40 -44.22
C VAL A 270 38.12 25.49 -43.74
N PHE A 271 37.93 25.98 -42.51
CA PHE A 271 36.60 26.25 -41.97
C PHE A 271 36.65 27.55 -41.19
N TYR A 272 35.46 28.01 -40.79
CA TYR A 272 35.32 29.31 -40.14
C TYR A 272 34.58 29.15 -38.82
N ALA A 273 35.19 29.64 -37.75
CA ALA A 273 34.58 29.68 -36.43
C ALA A 273 33.78 30.97 -36.28
N PRO A 274 32.78 30.97 -35.37
CA PRO A 274 32.03 32.22 -35.13
C PRO A 274 32.82 33.28 -34.39
N ARG A 275 33.68 32.88 -33.46
CA ARG A 275 34.47 33.80 -32.64
C ARG A 275 35.92 33.33 -32.61
N LEU A 276 36.82 34.30 -32.40
CA LEU A 276 38.23 33.97 -32.21
C LEU A 276 38.40 33.02 -31.02
N ARG A 277 37.65 33.27 -29.95
CA ARG A 277 37.71 32.41 -28.76
C ARG A 277 37.49 30.94 -29.12
N ILE A 278 36.59 30.66 -30.06
CA ILE A 278 36.33 29.27 -30.45
C ILE A 278 37.58 28.64 -31.02
N ASN A 279 38.23 29.33 -31.95
CA ASN A 279 39.45 28.79 -32.57
C ASN A 279 40.56 28.60 -31.56
N LYS A 280 40.66 29.49 -30.56
CA LYS A 280 41.67 29.33 -29.51
C LYS A 280 41.42 28.05 -28.70
N ARG A 281 40.16 27.80 -28.34
CA ARG A 281 39.85 26.59 -27.59
C ARG A 281 40.12 25.36 -28.44
N ILE A 282 39.82 25.44 -29.73
CA ILE A 282 40.07 24.30 -30.61
C ILE A 282 41.56 24.01 -30.66
N LEU A 283 42.38 25.06 -30.71
CA LEU A 283 43.82 24.83 -30.81
C LEU A 283 44.39 24.32 -29.50
N ALA A 284 43.95 24.87 -28.37
CA ALA A 284 44.45 24.34 -27.10
C ALA A 284 44.10 22.86 -26.96
N LEU A 285 42.92 22.44 -27.41
CA LEU A 285 42.54 21.03 -27.33
C LEU A 285 43.31 20.17 -28.33
N CYS A 286 43.57 20.73 -29.52
CA CYS A 286 44.37 20.02 -30.51
C CYS A 286 45.78 19.77 -29.99
N MET A 287 46.41 20.82 -29.44
CA MET A 287 47.78 20.71 -28.97
C MET A 287 47.88 19.79 -27.76
N GLY A 288 46.92 19.90 -26.83
CA GLY A 288 46.92 19.01 -25.68
C GLY A 288 46.74 17.56 -26.08
N ASN A 289 45.74 17.28 -26.92
CA ASN A 289 45.51 15.91 -27.32
C ASN A 289 46.67 15.35 -28.12
N HIS A 290 47.21 16.14 -29.06
CA HIS A 290 48.33 15.64 -29.84
C HIS A 290 49.53 15.34 -28.96
N GLU A 291 49.74 16.14 -27.91
CA GLU A 291 50.85 15.90 -27.00
C GLU A 291 50.70 14.57 -26.27
N LEU A 292 49.51 14.32 -25.71
CA LEU A 292 49.30 13.05 -25.04
C LEU A 292 49.39 11.87 -26.01
N TYR A 293 48.89 12.06 -27.23
CA TYR A 293 49.01 11.03 -28.26
C TYR A 293 50.47 10.68 -28.51
N MET A 294 51.34 11.69 -28.63
CA MET A 294 52.76 11.44 -28.86
C MET A 294 53.40 10.72 -27.69
N ARG A 295 53.11 11.20 -26.46
CA ARG A 295 53.73 10.60 -25.30
C ARG A 295 53.37 9.13 -25.16
N ARG A 296 52.21 8.72 -25.63
CA ARG A 296 51.82 7.30 -25.43
C ARG A 296 52.64 6.46 -26.40
N ARG A 297 53.13 7.07 -27.47
CA ARG A 297 53.82 6.32 -28.53
C ARG A 297 55.33 6.58 -28.49
N LYS A 298 55.90 6.63 -27.29
CA LYS A 298 57.35 6.83 -27.19
C LYS A 298 58.00 5.56 -26.62
N LYS B 5 -14.81 18.85 55.26
CA LYS B 5 -16.03 18.09 55.63
C LYS B 5 -16.13 16.75 54.87
N PRO B 6 -16.29 15.63 55.59
CA PRO B 6 -16.50 14.34 54.92
C PRO B 6 -17.80 14.28 54.13
N ILE B 7 -17.84 13.44 53.09
CA ILE B 7 -19.05 13.29 52.23
C ILE B 7 -19.74 11.99 52.59
N ASN B 8 -21.02 12.07 52.95
CA ASN B 8 -21.78 10.87 53.26
C ASN B 8 -22.23 10.21 51.96
N VAL B 9 -22.05 8.90 51.88
CA VAL B 9 -22.43 8.14 50.69
C VAL B 9 -23.20 6.90 51.13
N ARG B 10 -23.99 6.38 50.20
CA ARG B 10 -24.72 5.15 50.42
C ARG B 10 -24.58 4.32 49.16
N VAL B 11 -24.13 3.08 49.32
CA VAL B 11 -23.93 2.16 48.21
C VAL B 11 -24.74 0.92 48.49
N THR B 12 -25.66 0.60 47.57
CA THR B 12 -26.44 -0.62 47.66
C THR B 12 -25.92 -1.65 46.67
N THR B 13 -25.88 -2.91 47.11
CA THR B 13 -25.85 -4.03 46.20
C THR B 13 -27.26 -4.60 46.09
N MET B 14 -27.41 -5.71 45.38
CA MET B 14 -28.70 -6.35 45.24
C MET B 14 -29.28 -6.79 46.59
N ASP B 15 -28.44 -7.04 47.60
CA ASP B 15 -28.90 -7.61 48.86
C ASP B 15 -28.33 -6.91 50.09
N ALA B 16 -27.55 -5.85 49.93
CA ALA B 16 -26.86 -5.25 51.05
C ALA B 16 -26.91 -3.73 50.94
N GLU B 17 -26.74 -3.08 52.09
CA GLU B 17 -26.77 -1.63 52.21
C GLU B 17 -25.49 -1.20 52.90
N LEU B 18 -24.73 -0.32 52.25
CA LEU B 18 -23.50 0.22 52.82
C LEU B 18 -23.66 1.73 52.97
N GLU B 19 -23.46 2.22 54.18
CA GLU B 19 -23.50 3.65 54.45
C GLU B 19 -22.22 4.02 55.17
N PHE B 20 -21.47 4.97 54.61
CA PHE B 20 -20.22 5.39 55.19
C PHE B 20 -19.82 6.71 54.56
N ALA B 21 -18.77 7.32 55.13
CA ALA B 21 -18.30 8.62 54.72
C ALA B 21 -16.97 8.51 53.98
N ILE B 22 -16.73 9.45 53.07
CA ILE B 22 -15.51 9.51 52.29
C ILE B 22 -14.98 10.93 52.28
N GLN B 23 -13.68 11.05 52.06
CA GLN B 23 -13.06 12.36 51.91
C GLN B 23 -13.58 13.03 50.64
N PRO B 24 -13.57 14.37 50.60
CA PRO B 24 -14.11 15.06 49.42
C PRO B 24 -13.41 14.70 48.12
N ASN B 25 -12.14 14.31 48.18
CA ASN B 25 -11.38 14.11 46.97
C ASN B 25 -11.20 12.64 46.63
N THR B 26 -11.92 11.75 47.32
CA THR B 26 -11.94 10.34 46.96
C THR B 26 -12.25 10.17 45.48
N THR B 27 -11.43 9.37 44.80
CA THR B 27 -11.71 9.06 43.41
C THR B 27 -12.75 7.94 43.34
N GLY B 28 -13.35 7.79 42.16
CA GLY B 28 -14.27 6.68 41.95
C GLY B 28 -13.63 5.35 42.29
N LYS B 29 -12.38 5.15 41.88
CA LYS B 29 -11.69 3.90 42.17
C LYS B 29 -11.59 3.63 43.66
N GLN B 30 -11.22 4.65 44.45
CA GLN B 30 -11.08 4.46 45.89
C GLN B 30 -12.42 4.15 46.54
N LEU B 31 -13.48 4.84 46.11
CA LEU B 31 -14.81 4.47 46.57
C LEU B 31 -15.12 3.03 46.18
N PHE B 32 -14.87 2.68 44.91
CA PHE B 32 -15.10 1.33 44.41
C PHE B 32 -14.37 0.29 45.25
N ASP B 33 -13.12 0.56 45.60
CA ASP B 33 -12.34 -0.44 46.33
C ASP B 33 -12.83 -0.63 47.75
N GLN B 34 -13.36 0.43 48.38
CA GLN B 34 -13.91 0.30 49.72
C GLN B 34 -15.20 -0.52 49.72
N VAL B 35 -15.99 -0.40 48.66
CA VAL B 35 -17.19 -1.22 48.56
C VAL B 35 -16.81 -2.70 48.51
N VAL B 36 -15.96 -3.08 47.55
CA VAL B 36 -15.68 -4.49 47.31
C VAL B 36 -14.95 -5.11 48.48
N LYS B 37 -14.18 -4.30 49.23
CA LYS B 37 -13.49 -4.83 50.40
C LYS B 37 -14.46 -5.10 51.54
N THR B 38 -15.46 -4.22 51.71
CA THR B 38 -16.45 -4.41 52.76
C THR B 38 -17.28 -5.65 52.52
N VAL B 39 -17.63 -5.91 51.25
CA VAL B 39 -18.44 -7.09 50.92
C VAL B 39 -17.59 -8.31 50.58
N GLY B 40 -16.27 -8.18 50.57
CA GLY B 40 -15.40 -9.32 50.33
C GLY B 40 -15.56 -9.91 48.94
N LEU B 41 -15.45 -9.06 47.92
CA LEU B 41 -15.62 -9.48 46.53
C LEU B 41 -14.33 -9.20 45.79
N ARG B 42 -13.75 -10.25 45.20
CA ARG B 42 -12.51 -10.12 44.45
C ARG B 42 -12.70 -10.10 42.95
N GLU B 43 -13.77 -10.68 42.43
CA GLU B 43 -14.03 -10.71 40.99
C GLU B 43 -14.68 -9.38 40.57
N VAL B 44 -13.90 -8.31 40.73
CA VAL B 44 -14.43 -6.95 40.68
C VAL B 44 -14.59 -6.43 39.26
N TRP B 45 -13.94 -7.06 38.27
CA TRP B 45 -13.89 -6.50 36.92
C TRP B 45 -15.26 -6.50 36.22
N PHE B 46 -16.25 -7.22 36.74
CA PHE B 46 -17.58 -7.22 36.14
C PHE B 46 -18.42 -6.01 36.52
N PHE B 47 -18.01 -5.28 37.56
CA PHE B 47 -18.90 -4.39 38.29
C PHE B 47 -18.53 -2.93 38.11
N GLY B 48 -19.53 -2.07 38.34
CA GLY B 48 -19.34 -0.64 38.37
C GLY B 48 -20.26 -0.03 39.41
N LEU B 49 -20.14 1.28 39.57
CA LEU B 49 -21.00 2.05 40.47
C LEU B 49 -21.83 3.00 39.60
N GLN B 50 -23.14 2.86 39.65
CA GLN B 50 -23.96 3.77 38.89
C GLN B 50 -24.61 4.78 39.82
N TYR B 51 -24.85 5.97 39.27
CA TYR B 51 -25.42 7.06 40.03
C TYR B 51 -26.34 7.84 39.11
N VAL B 52 -27.03 8.80 39.73
CA VAL B 52 -27.93 9.71 38.98
C VAL B 52 -27.29 11.10 38.96
N ASP B 53 -27.19 11.71 37.79
CA ASP B 53 -26.65 13.07 37.63
C ASP B 53 -27.67 14.14 38.08
N SER B 54 -27.29 15.42 37.99
CA SER B 54 -28.16 16.53 38.45
C SER B 54 -29.49 16.53 37.71
N LYS B 55 -29.49 16.04 36.47
CA LYS B 55 -30.69 16.06 35.60
C LYS B 55 -31.44 14.72 35.62
N GLY B 56 -31.13 13.80 36.53
CA GLY B 56 -31.85 12.52 36.67
C GLY B 56 -31.38 11.39 35.75
N TYR B 57 -30.22 11.52 35.14
CA TYR B 57 -29.73 10.50 34.18
C TYR B 57 -28.88 9.45 34.90
N SER B 58 -29.18 8.17 34.70
CA SER B 58 -28.34 7.09 35.27
C SER B 58 -26.97 7.13 34.59
N THR B 59 -25.92 7.10 35.37
CA THR B 59 -24.55 7.24 34.84
C THR B 59 -23.60 6.30 35.58
N TRP B 60 -22.64 5.73 34.87
CA TRP B 60 -21.60 4.88 35.49
C TRP B 60 -20.51 5.80 36.05
N LEU B 61 -20.11 5.55 37.28
CA LEU B 61 -19.07 6.39 37.91
C LEU B 61 -17.73 6.15 37.22
N LYS B 62 -17.10 7.21 36.78
CA LYS B 62 -15.73 7.09 36.20
C LYS B 62 -14.79 6.89 37.38
N LEU B 63 -14.03 5.80 37.38
CA LEU B 63 -13.19 5.45 38.54
C LEU B 63 -11.93 6.31 38.58
N ASN B 64 -11.50 6.83 37.44
CA ASN B 64 -10.25 7.63 37.35
C ASN B 64 -10.57 9.11 37.52
N LYS B 65 -11.77 9.43 37.98
CA LYS B 65 -12.10 10.85 38.24
C LYS B 65 -12.66 10.95 39.66
N LYS B 66 -12.74 12.17 40.18
CA LYS B 66 -13.21 12.36 41.57
C LYS B 66 -14.74 12.22 41.64
N VAL B 67 -15.25 11.67 42.73
CA VAL B 67 -16.70 11.46 42.93
C VAL B 67 -17.43 12.81 42.99
N THR B 68 -16.72 13.89 43.31
CA THR B 68 -17.35 15.23 43.48
C THR B 68 -17.28 16.04 42.18
N GLN B 69 -16.70 15.48 41.12
CA GLN B 69 -16.53 16.22 39.85
C GLN B 69 -17.20 15.46 38.71
N GLN B 70 -18.26 14.72 39.01
CA GLN B 70 -18.97 13.92 37.98
C GLN B 70 -20.46 14.29 37.95
N ASP B 71 -20.84 15.43 38.54
CA ASP B 71 -22.25 15.95 38.54
C ASP B 71 -23.20 14.98 39.23
N VAL B 72 -22.71 14.29 40.26
CA VAL B 72 -23.60 13.38 41.04
C VAL B 72 -24.67 14.25 41.70
N LYS B 73 -25.91 13.81 41.62
CA LYS B 73 -27.01 14.53 42.25
C LYS B 73 -26.70 14.78 43.73
N LYS B 74 -27.00 16.00 44.15
CA LYS B 74 -26.64 16.44 45.53
C LYS B 74 -27.70 16.02 46.55
N GLU B 75 -27.31 15.18 47.47
CA GLU B 75 -28.24 14.69 48.51
C GLU B 75 -27.33 14.40 49.68
N ASN B 76 -27.82 14.49 50.91
CA ASN B 76 -26.86 14.36 52.02
C ASN B 76 -26.12 13.05 51.78
N PRO B 77 -26.80 11.89 51.81
CA PRO B 77 -26.11 10.68 51.44
C PRO B 77 -26.10 10.57 49.93
N LEU B 78 -24.94 10.71 49.29
CA LEU B 78 -24.92 10.39 47.86
C LEU B 78 -25.34 8.94 47.67
N GLN B 79 -26.09 8.68 46.60
CA GLN B 79 -26.66 7.36 46.35
C GLN B 79 -25.91 6.70 45.19
N PHE B 80 -25.40 5.50 45.44
CA PHE B 80 -24.73 4.73 44.41
C PHE B 80 -25.30 3.31 44.41
N LYS B 81 -25.37 2.74 43.21
CA LYS B 81 -25.79 1.36 43.04
C LYS B 81 -24.62 0.56 42.51
N PHE B 82 -24.22 -0.47 43.26
CA PHE B 82 -23.14 -1.37 42.86
C PHE B 82 -23.75 -2.48 42.02
N ARG B 83 -23.50 -2.46 40.70
CA ARG B 83 -24.13 -3.40 39.78
C ARG B 83 -23.11 -3.91 38.78
N ALA B 84 -23.44 -5.05 38.18
CA ALA B 84 -22.62 -5.62 37.13
C ALA B 84 -22.82 -4.82 35.84
N LYS B 85 -21.74 -4.26 35.33
CA LYS B 85 -21.70 -3.61 34.03
C LYS B 85 -21.36 -4.58 32.90
N PHE B 86 -20.59 -5.63 33.18
CA PHE B 86 -20.20 -6.61 32.17
C PHE B 86 -20.61 -8.00 32.61
N PHE B 87 -20.89 -8.85 31.63
CA PHE B 87 -21.39 -10.19 31.93
C PHE B 87 -20.47 -11.25 31.32
N PRO B 88 -20.21 -12.32 32.07
CA PRO B 88 -19.28 -13.33 31.59
C PRO B 88 -19.82 -14.03 30.35
N GLU B 89 -18.89 -14.66 29.63
CA GLU B 89 -19.30 -15.55 28.56
C GLU B 89 -19.84 -16.87 29.10
N ASP B 90 -19.44 -17.28 30.30
CA ASP B 90 -19.97 -18.50 30.92
C ASP B 90 -19.91 -18.34 32.43
N VAL B 91 -21.07 -18.34 33.09
CA VAL B 91 -21.11 -18.15 34.54
C VAL B 91 -20.39 -19.29 35.26
N SER B 92 -20.52 -20.51 34.74
CA SER B 92 -19.92 -21.67 35.41
C SER B 92 -18.40 -21.54 35.46
N GLU B 93 -17.80 -21.04 34.38
CA GLU B 93 -16.34 -20.91 34.35
C GLU B 93 -15.87 -19.66 35.09
N GLU B 94 -16.64 -18.58 35.07
CA GLU B 94 -16.12 -17.28 35.49
C GLU B 94 -16.62 -16.79 36.84
N LEU B 95 -17.67 -17.38 37.41
CA LEU B 95 -18.21 -16.90 38.69
C LEU B 95 -17.86 -17.90 39.77
N ILE B 96 -16.80 -17.60 40.52
CA ILE B 96 -16.23 -18.52 41.50
C ILE B 96 -16.72 -18.21 42.92
N GLN B 97 -16.65 -16.95 43.34
CA GLN B 97 -17.08 -16.61 44.69
C GLN B 97 -18.59 -16.71 44.83
N GLU B 98 -19.03 -17.15 46.01
CA GLU B 98 -20.46 -17.29 46.25
C GLU B 98 -21.17 -15.94 46.20
N ILE B 99 -20.52 -14.86 46.63
CA ILE B 99 -21.18 -13.55 46.62
C ILE B 99 -21.31 -13.04 45.19
N THR B 100 -20.27 -13.22 44.37
CA THR B 100 -20.35 -12.84 42.97
C THR B 100 -21.47 -13.57 42.25
N GLN B 101 -21.60 -14.88 42.52
CA GLN B 101 -22.71 -15.65 41.96
C GLN B 101 -24.05 -15.15 42.48
N ARG B 102 -24.14 -14.81 43.76
CA ARG B 102 -25.40 -14.34 44.32
C ARG B 102 -25.79 -13.00 43.74
N LEU B 103 -24.83 -12.09 43.60
CA LEU B 103 -25.12 -10.76 43.07
C LEU B 103 -25.58 -10.83 41.62
N PHE B 104 -24.88 -11.62 40.80
CA PHE B 104 -25.33 -11.82 39.42
C PHE B 104 -26.73 -12.43 39.39
N PHE B 105 -26.98 -13.41 40.25
CA PHE B 105 -28.28 -14.08 40.26
C PHE B 105 -29.40 -13.08 40.52
N LEU B 106 -29.22 -12.23 41.54
CA LEU B 106 -30.28 -11.28 41.89
C LEU B 106 -30.48 -10.25 40.78
N GLN B 107 -29.39 -9.73 40.22
CA GLN B 107 -29.52 -8.72 39.17
C GLN B 107 -30.13 -9.31 37.90
N VAL B 108 -29.71 -10.52 37.52
CA VAL B 108 -30.25 -11.13 36.31
C VAL B 108 -31.72 -11.47 36.49
N LYS B 109 -32.09 -12.01 37.67
CA LYS B 109 -33.50 -12.30 37.93
C LYS B 109 -34.34 -11.02 37.92
N GLU B 110 -33.80 -9.95 38.48
CA GLU B 110 -34.51 -8.67 38.46
C GLU B 110 -34.78 -8.22 37.02
N ALA B 111 -33.79 -8.37 36.14
CA ALA B 111 -33.99 -8.00 34.74
C ALA B 111 -35.07 -8.85 34.09
N ILE B 112 -35.03 -10.16 34.32
CA ILE B 112 -36.02 -11.05 33.71
C ILE B 112 -37.42 -10.74 34.23
N LEU B 113 -37.55 -10.50 35.54
CA LEU B 113 -38.84 -10.23 36.15
C LEU B 113 -39.40 -8.85 35.82
N ASN B 114 -38.59 -7.95 35.26
CA ASN B 114 -39.08 -6.67 34.75
C ASN B 114 -39.14 -6.64 33.23
N ASP B 115 -39.11 -7.81 32.59
CA ASP B 115 -39.32 -7.99 31.15
C ASP B 115 -38.22 -7.35 30.30
N GLU B 116 -37.05 -7.07 30.88
CA GLU B 116 -35.95 -6.53 30.09
C GLU B 116 -35.41 -7.56 29.09
N ILE B 117 -35.50 -8.85 29.43
CA ILE B 117 -34.98 -9.93 28.60
C ILE B 117 -36.15 -10.81 28.17
N TYR B 118 -36.26 -11.03 26.86
CA TYR B 118 -37.31 -11.93 26.37
C TYR B 118 -37.08 -13.32 26.94
N CYS B 119 -38.15 -13.92 27.48
CA CYS B 119 -38.08 -15.24 28.09
C CYS B 119 -39.27 -16.07 27.60
N PRO B 120 -39.03 -17.23 27.00
CA PRO B 120 -40.14 -18.14 26.72
C PRO B 120 -40.82 -18.54 27.97
N PRO B 121 -42.14 -18.81 27.93
CA PRO B 121 -42.88 -19.08 29.17
C PRO B 121 -42.39 -20.29 29.93
N GLU B 122 -42.10 -21.39 29.23
CA GLU B 122 -41.61 -22.59 29.92
C GLU B 122 -40.24 -22.34 30.54
N THR B 123 -39.37 -21.63 29.84
CA THR B 123 -38.12 -21.21 30.46
C THR B 123 -38.39 -20.34 31.69
N ALA B 124 -39.39 -19.46 31.60
CA ALA B 124 -39.74 -18.60 32.72
C ALA B 124 -40.16 -19.42 33.95
N VAL B 125 -40.95 -20.49 33.74
CA VAL B 125 -41.36 -21.29 34.89
C VAL B 125 -40.18 -22.09 35.43
N LEU B 126 -39.34 -22.63 34.54
CA LEU B 126 -38.14 -23.32 35.01
C LEU B 126 -37.24 -22.41 35.82
N LEU B 127 -37.05 -21.17 35.35
CA LEU B 127 -36.23 -20.21 36.10
C LEU B 127 -36.82 -19.96 37.49
N ALA B 128 -38.14 -19.72 37.55
CA ALA B 128 -38.78 -19.47 38.84
C ALA B 128 -38.62 -20.64 39.79
N SER B 129 -38.61 -21.86 39.27
CA SER B 129 -38.42 -23.03 40.14
C SER B 129 -37.05 -22.99 40.81
N TYR B 130 -36.02 -22.62 40.05
CA TYR B 130 -34.69 -22.54 40.67
C TYR B 130 -34.63 -21.40 41.68
N ALA B 131 -35.36 -20.31 41.42
CA ALA B 131 -35.41 -19.23 42.40
C ALA B 131 -36.13 -19.66 43.67
N VAL B 132 -37.16 -20.50 43.54
CA VAL B 132 -37.89 -20.99 44.71
C VAL B 132 -37.02 -21.92 45.54
N GLN B 133 -36.33 -22.86 44.86
CA GLN B 133 -35.40 -23.74 45.57
C GLN B 133 -34.31 -22.94 46.28
N ALA B 134 -33.94 -21.78 45.73
CA ALA B 134 -32.93 -20.94 46.37
C ALA B 134 -33.49 -20.29 47.62
N LYS B 135 -34.63 -19.61 47.51
CA LYS B 135 -35.21 -18.87 48.63
C LYS B 135 -35.58 -19.80 49.78
N TYR B 136 -36.58 -20.67 49.55
CA TYR B 136 -37.05 -21.56 50.61
C TYR B 136 -36.09 -22.72 50.85
N GLY B 137 -35.89 -23.56 49.85
CA GLY B 137 -35.12 -24.76 50.04
C GLY B 137 -35.83 -25.91 49.34
N ASP B 138 -35.60 -27.13 49.82
CA ASP B 138 -36.26 -28.28 49.23
C ASP B 138 -37.74 -28.27 49.54
N TYR B 139 -38.53 -28.68 48.55
CA TYR B 139 -39.98 -28.74 48.74
C TYR B 139 -40.30 -29.72 49.85
N ASN B 140 -41.25 -29.32 50.68
CA ASN B 140 -41.69 -30.16 51.79
C ASN B 140 -43.19 -29.95 51.94
N LYS B 141 -43.97 -30.97 51.54
CA LYS B 141 -45.42 -30.90 51.57
C LYS B 141 -45.96 -30.57 52.96
N GLU B 142 -45.24 -30.94 54.03
CA GLU B 142 -45.58 -30.45 55.37
C GLU B 142 -45.58 -28.93 55.43
N ILE B 143 -44.46 -28.31 55.07
CA ILE B 143 -44.29 -26.87 55.28
C ILE B 143 -44.95 -26.05 54.17
N HIS B 144 -44.90 -26.57 52.94
CA HIS B 144 -45.36 -25.86 51.74
C HIS B 144 -46.65 -26.52 51.28
N LYS B 145 -47.73 -26.23 51.99
CA LYS B 145 -49.02 -26.56 51.38
C LYS B 145 -49.28 -25.45 50.38
N PRO B 146 -50.23 -25.68 49.43
CA PRO B 146 -50.55 -24.67 48.42
C PRO B 146 -50.83 -23.26 48.93
N GLY B 147 -50.45 -22.26 48.14
CA GLY B 147 -50.48 -20.88 48.56
C GLY B 147 -49.18 -20.38 49.15
N TYR B 148 -48.18 -21.25 49.30
CA TYR B 148 -46.90 -20.82 49.88
C TYR B 148 -46.09 -19.97 48.90
N LEU B 149 -46.43 -20.00 47.62
CA LEU B 149 -45.81 -19.13 46.62
C LEU B 149 -46.70 -17.93 46.27
N ALA B 150 -47.77 -17.69 47.04
CA ALA B 150 -48.77 -16.70 46.64
C ALA B 150 -48.27 -15.26 46.71
N ASN B 151 -47.37 -14.96 47.65
CA ASN B 151 -46.85 -13.61 47.81
C ASN B 151 -45.59 -13.37 46.97
N ASP B 152 -45.09 -14.38 46.27
CA ASP B 152 -43.82 -14.23 45.58
C ASP B 152 -44.02 -13.66 44.18
N ARG B 153 -43.11 -12.76 43.82
CA ARG B 153 -43.02 -12.27 42.44
C ARG B 153 -42.22 -13.29 41.64
N LEU B 154 -42.90 -14.09 40.82
CA LEU B 154 -42.27 -15.27 40.24
C LEU B 154 -42.04 -15.20 38.74
N LEU B 155 -42.84 -14.44 38.00
CA LEU B 155 -42.80 -14.48 36.55
C LEU B 155 -42.77 -13.07 35.99
N PRO B 156 -42.22 -12.90 34.77
CA PRO B 156 -42.31 -11.60 34.10
C PRO B 156 -43.73 -11.35 33.63
N GLN B 157 -44.09 -10.07 33.61
CA GLN B 157 -45.48 -9.71 33.31
C GLN B 157 -45.86 -10.12 31.90
N ARG B 158 -44.95 -10.00 30.94
CA ARG B 158 -45.32 -10.29 29.55
C ARG B 158 -45.51 -11.79 29.34
N VAL B 159 -44.90 -12.62 30.19
CA VAL B 159 -45.25 -14.03 30.22
C VAL B 159 -46.68 -14.23 30.71
N LEU B 160 -47.09 -13.45 31.72
CA LEU B 160 -48.46 -13.55 32.21
C LEU B 160 -49.45 -12.92 31.23
N GLU B 161 -49.00 -12.01 30.38
CA GLU B 161 -49.90 -11.30 29.49
C GLU B 161 -50.38 -12.13 28.32
N GLN B 162 -50.00 -13.40 28.24
CA GLN B 162 -50.81 -14.42 27.57
C GLN B 162 -51.52 -15.14 28.71
N HIS B 163 -52.84 -14.98 28.80
CA HIS B 163 -53.58 -15.52 29.93
C HIS B 163 -53.99 -16.95 29.68
N LYS B 164 -53.04 -17.80 29.30
CA LYS B 164 -53.36 -19.24 29.18
C LYS B 164 -53.35 -19.95 30.51
N LEU B 165 -53.07 -19.24 31.60
CA LEU B 165 -52.98 -19.83 32.92
C LEU B 165 -53.68 -18.93 33.91
N THR B 166 -53.79 -19.38 35.14
CA THR B 166 -54.23 -18.59 36.27
C THR B 166 -53.09 -18.45 37.28
N LYS B 167 -53.24 -17.51 38.21
CA LYS B 167 -52.17 -17.24 39.16
C LYS B 167 -51.81 -18.46 40.00
N GLU B 168 -52.79 -19.30 40.32
CA GLU B 168 -52.51 -20.55 41.01
C GLU B 168 -52.10 -21.66 40.05
N GLN B 169 -52.63 -21.65 38.83
CA GLN B 169 -52.16 -22.60 37.82
C GLN B 169 -50.67 -22.39 37.53
N TRP B 170 -50.22 -21.14 37.46
CA TRP B 170 -48.79 -20.86 37.37
C TRP B 170 -48.07 -21.35 38.62
N GLU B 171 -48.57 -20.97 39.80
CA GLU B 171 -47.96 -21.41 41.05
C GLU B 171 -47.93 -22.93 41.14
N GLU B 172 -48.96 -23.59 40.62
CA GLU B 172 -48.95 -25.05 40.55
C GLU B 172 -47.74 -25.54 39.76
N ARG B 173 -47.68 -25.18 38.48
CA ARG B 173 -46.63 -25.68 37.60
C ARG B 173 -45.23 -25.33 38.11
N ILE B 174 -45.08 -24.17 38.76
CA ILE B 174 -43.80 -23.82 39.36
C ILE B 174 -43.48 -24.76 40.53
N GLN B 175 -44.46 -24.99 41.40
CA GLN B 175 -44.25 -25.88 42.54
C GLN B 175 -43.86 -27.28 42.10
N ASN B 176 -44.37 -27.74 40.95
CA ASN B 176 -44.03 -29.06 40.45
C ASN B 176 -42.55 -29.15 40.10
N TRP B 177 -42.04 -28.17 39.34
CA TRP B 177 -40.61 -28.11 39.05
C TRP B 177 -39.79 -27.94 40.33
N HIS B 178 -40.31 -27.20 41.30
CA HIS B 178 -39.65 -27.07 42.60
C HIS B 178 -39.52 -28.42 43.29
N GLU B 179 -40.42 -29.36 43.01
CA GLU B 179 -40.37 -30.67 43.65
C GLU B 179 -39.18 -31.49 43.16
N GLU B 180 -38.82 -31.35 41.87
CA GLU B 180 -37.71 -32.15 41.34
C GLU B 180 -36.35 -31.63 41.78
N HIS B 181 -36.28 -30.50 42.48
CA HIS B 181 -35.00 -29.90 42.82
C HIS B 181 -34.52 -30.24 44.23
N ARG B 182 -34.88 -31.42 44.76
CA ARG B 182 -34.64 -31.64 46.18
C ARG B 182 -33.19 -31.98 46.48
N GLY B 183 -32.40 -32.36 45.48
CA GLY B 183 -30.99 -32.54 45.75
C GLY B 183 -30.14 -31.31 45.45
N MET B 184 -30.66 -30.12 45.76
CA MET B 184 -30.03 -28.88 45.30
C MET B 184 -29.79 -27.91 46.45
N LEU B 185 -28.53 -27.55 46.67
CA LEU B 185 -28.19 -26.50 47.60
C LEU B 185 -28.72 -25.16 47.09
N ARG B 186 -28.80 -24.19 48.00
CA ARG B 186 -29.23 -22.85 47.60
C ARG B 186 -28.29 -22.27 46.55
N GLU B 187 -26.99 -22.36 46.80
CA GLU B 187 -26.00 -21.78 45.88
C GLU B 187 -26.03 -22.48 44.53
N ASP B 188 -26.37 -23.77 44.50
CA ASP B 188 -26.42 -24.50 43.24
C ASP B 188 -27.65 -24.15 42.42
N SER B 189 -28.78 -23.85 43.08
CA SER B 189 -29.96 -23.47 42.34
C SER B 189 -29.80 -22.10 41.69
N MET B 190 -29.07 -21.18 42.34
CA MET B 190 -28.79 -19.89 41.72
C MET B 190 -27.92 -20.03 40.48
N MET B 191 -26.98 -20.97 40.49
CA MET B 191 -26.12 -21.16 39.33
C MET B 191 -26.86 -21.88 38.20
N GLU B 192 -27.71 -22.86 38.53
CA GLU B 192 -28.59 -23.43 37.51
C GLU B 192 -29.45 -22.33 36.89
N TYR B 193 -29.93 -21.40 37.71
CA TYR B 193 -30.69 -20.26 37.19
C TYR B 193 -29.88 -19.49 36.17
N LEU B 194 -28.67 -19.07 36.54
CA LEU B 194 -27.84 -18.29 35.63
C LEU B 194 -27.51 -19.07 34.36
N LYS B 195 -27.22 -20.36 34.49
CA LYS B 195 -26.90 -21.16 33.31
C LYS B 195 -28.04 -21.15 32.31
N ILE B 196 -29.29 -21.24 32.79
CA ILE B 196 -30.42 -21.11 31.88
C ILE B 196 -30.52 -19.70 31.32
N ALA B 197 -30.37 -18.70 32.19
CA ALA B 197 -30.62 -17.32 31.76
C ALA B 197 -29.58 -16.84 30.75
N GLN B 198 -28.34 -17.28 30.87
CA GLN B 198 -27.31 -16.74 30.00
C GLN B 198 -27.46 -17.19 28.55
N ASP B 199 -28.28 -18.20 28.29
CA ASP B 199 -28.50 -18.66 26.92
C ASP B 199 -29.67 -17.97 26.24
N LEU B 200 -30.44 -17.16 26.97
CA LEU B 200 -31.48 -16.35 26.33
C LEU B 200 -30.86 -15.36 25.36
N GLU B 201 -31.55 -15.11 24.24
CA GLU B 201 -30.97 -14.36 23.13
C GLU B 201 -30.64 -12.93 23.54
N MET B 202 -31.47 -12.32 24.38
CA MET B 202 -31.28 -10.94 24.78
C MET B 202 -30.35 -10.79 25.99
N TYR B 203 -29.89 -11.89 26.59
CA TYR B 203 -29.12 -11.81 27.82
C TYR B 203 -27.77 -11.16 27.58
N GLY B 204 -27.37 -10.28 28.50
CA GLY B 204 -26.06 -9.65 28.41
C GLY B 204 -25.89 -8.74 27.21
N VAL B 205 -26.97 -8.24 26.64
CA VAL B 205 -26.89 -7.30 25.52
C VAL B 205 -27.30 -5.92 25.99
N ASN B 206 -26.46 -4.92 25.70
CA ASN B 206 -26.80 -3.52 25.91
C ASN B 206 -27.37 -2.95 24.62
N TYR B 207 -28.64 -2.56 24.64
CA TYR B 207 -29.36 -2.11 23.45
C TYR B 207 -29.44 -0.60 23.40
N PHE B 208 -29.29 -0.04 22.20
CA PHE B 208 -29.36 1.41 21.99
C PHE B 208 -30.12 1.68 20.70
N GLU B 209 -31.09 2.60 20.77
CA GLU B 209 -31.83 3.04 19.60
C GLU B 209 -30.97 3.94 18.73
N ILE B 210 -30.92 3.63 17.45
CA ILE B 210 -30.01 4.24 16.49
C ILE B 210 -30.73 4.33 15.14
N LYS B 211 -30.06 4.98 14.19
CA LYS B 211 -30.55 5.08 12.82
C LYS B 211 -29.38 4.89 11.86
N ASN B 212 -29.69 4.41 10.65
CA ASN B 212 -28.69 4.41 9.60
C ASN B 212 -28.82 5.69 8.77
N LYS B 213 -28.01 5.79 7.71
CA LYS B 213 -27.92 7.03 6.94
C LYS B 213 -29.29 7.46 6.43
N LYS B 214 -30.04 6.52 5.86
CA LYS B 214 -31.36 6.83 5.31
C LYS B 214 -32.43 7.03 6.38
N GLY B 215 -32.07 7.01 7.66
CA GLY B 215 -33.03 7.30 8.72
C GLY B 215 -33.85 6.14 9.22
N THR B 216 -33.57 4.92 8.73
CA THR B 216 -34.25 3.74 9.24
C THR B 216 -33.86 3.50 10.70
N GLU B 217 -34.84 3.18 11.52
CA GLU B 217 -34.64 2.97 12.96
C GLU B 217 -34.17 1.55 13.24
N LEU B 218 -33.08 1.44 14.00
CA LEU B 218 -32.45 0.15 14.29
C LEU B 218 -32.10 0.09 15.77
N TRP B 219 -31.71 -1.11 16.20
CA TRP B 219 -31.15 -1.31 17.53
C TRP B 219 -29.67 -1.68 17.40
N LEU B 220 -28.83 -1.00 18.17
CA LEU B 220 -27.43 -1.34 18.31
C LEU B 220 -27.28 -2.18 19.57
N GLY B 221 -26.70 -3.37 19.43
CA GLY B 221 -26.37 -4.18 20.58
C GLY B 221 -24.87 -4.25 20.84
N VAL B 222 -24.47 -4.18 22.11
CA VAL B 222 -23.09 -4.39 22.54
C VAL B 222 -23.11 -5.50 23.60
N ASP B 223 -22.27 -6.51 23.42
CA ASP B 223 -22.23 -7.60 24.37
C ASP B 223 -20.80 -8.11 24.45
N ALA B 224 -20.59 -9.16 25.24
CA ALA B 224 -19.26 -9.66 25.51
C ALA B 224 -18.51 -10.06 24.23
N LEU B 225 -19.24 -10.46 23.17
CA LEU B 225 -18.65 -10.97 21.95
C LEU B 225 -18.50 -9.94 20.84
N GLY B 226 -19.12 -8.80 20.95
CA GLY B 226 -18.98 -7.80 19.90
C GLY B 226 -20.23 -6.94 19.82
N LEU B 227 -20.46 -6.41 18.62
CA LEU B 227 -21.58 -5.53 18.32
C LEU B 227 -22.57 -6.27 17.43
N ASN B 228 -23.82 -5.81 17.47
CA ASN B 228 -24.88 -6.37 16.62
C ASN B 228 -25.85 -5.27 16.25
N ILE B 229 -26.35 -5.32 15.01
CA ILE B 229 -27.41 -4.45 14.53
C ILE B 229 -28.68 -5.28 14.42
N TYR B 230 -29.78 -4.75 14.96
CA TYR B 230 -31.09 -5.39 14.92
C TYR B 230 -32.09 -4.48 14.22
N GLU B 231 -33.00 -5.09 13.45
CA GLU B 231 -34.14 -4.33 12.96
C GLU B 231 -35.05 -3.93 14.12
N HIS B 232 -35.81 -2.85 13.90
CA HIS B 232 -36.50 -2.18 15.00
C HIS B 232 -37.39 -3.14 15.78
N ASP B 233 -38.08 -4.04 15.07
CA ASP B 233 -39.08 -4.92 15.68
C ASP B 233 -38.53 -6.31 15.99
N ASP B 234 -37.21 -6.48 16.07
CA ASP B 234 -36.67 -7.81 16.39
C ASP B 234 -35.35 -7.63 17.16
N LYS B 235 -35.46 -7.58 18.49
CA LYS B 235 -34.29 -7.49 19.36
C LYS B 235 -33.72 -8.86 19.71
N LEU B 236 -34.23 -9.93 19.09
CA LEU B 236 -33.78 -11.28 19.41
C LEU B 236 -32.62 -11.72 18.52
N THR B 237 -32.69 -11.42 17.23
CA THR B 237 -31.77 -11.98 16.25
C THR B 237 -31.10 -10.85 15.48
N PRO B 238 -29.76 -10.76 15.52
CA PRO B 238 -29.07 -9.72 14.77
C PRO B 238 -29.33 -9.80 13.27
N LYS B 239 -29.50 -8.65 12.66
CA LYS B 239 -29.49 -8.53 11.21
C LYS B 239 -28.08 -8.41 10.67
N ILE B 240 -27.15 -7.82 11.45
CA ILE B 240 -25.73 -7.73 11.12
C ILE B 240 -24.93 -8.00 12.38
N GLY B 241 -23.91 -8.86 12.27
CA GLY B 241 -23.04 -9.19 13.39
C GLY B 241 -21.66 -8.56 13.23
N PHE B 242 -21.06 -8.18 14.35
CA PHE B 242 -19.73 -7.55 14.36
C PHE B 242 -18.91 -8.18 15.48
N PRO B 243 -18.47 -9.42 15.31
CA PRO B 243 -17.53 -10.00 16.27
C PRO B 243 -16.26 -9.13 16.35
N TRP B 244 -15.68 -9.07 17.56
CA TRP B 244 -14.45 -8.29 17.75
C TRP B 244 -13.41 -8.59 16.67
N SER B 245 -13.17 -9.89 16.39
CA SER B 245 -12.11 -10.31 15.48
C SER B 245 -12.25 -9.71 14.08
N GLU B 246 -13.44 -9.30 13.68
CA GLU B 246 -13.66 -8.71 12.37
C GLU B 246 -13.59 -7.19 12.40
N ILE B 247 -13.37 -6.58 13.56
CA ILE B 247 -13.45 -5.13 13.71
C ILE B 247 -12.05 -4.56 13.85
N ARG B 248 -11.69 -3.65 12.94
CA ARG B 248 -10.39 -2.99 12.99
C ARG B 248 -10.39 -1.79 13.93
N ASN B 249 -11.49 -1.04 13.97
CA ASN B 249 -11.51 0.19 14.74
C ASN B 249 -12.94 0.68 14.87
N ILE B 250 -13.31 1.15 16.05
CA ILE B 250 -14.60 1.79 16.27
C ILE B 250 -14.35 3.22 16.73
N SER B 251 -15.19 4.14 16.25
CA SER B 251 -15.04 5.54 16.62
C SER B 251 -16.37 6.24 16.46
N PHE B 252 -16.46 7.39 17.12
CA PHE B 252 -17.65 8.27 17.01
C PHE B 252 -17.22 9.73 16.86
N ASN B 253 -17.90 10.48 16.01
CA ASN B 253 -17.70 11.95 15.91
C ASN B 253 -19.08 12.55 16.12
N ASP B 254 -19.31 13.10 17.30
CA ASP B 254 -20.65 13.62 17.66
C ASP B 254 -21.60 12.43 17.50
N LYS B 255 -22.52 12.49 16.55
CA LYS B 255 -23.62 11.51 16.57
C LYS B 255 -23.27 10.41 15.57
N LYS B 256 -22.26 10.65 14.75
CA LYS B 256 -21.91 9.68 13.72
C LYS B 256 -20.95 8.64 14.30
N PHE B 257 -21.35 7.38 14.27
CA PHE B 257 -20.55 6.27 14.76
C PHE B 257 -20.10 5.43 13.59
N VAL B 258 -18.85 4.96 13.63
CA VAL B 258 -18.27 4.26 12.48
C VAL B 258 -17.57 2.98 12.96
N ILE B 259 -17.89 1.85 12.33
CA ILE B 259 -17.25 0.57 12.58
C ILE B 259 -16.47 0.18 11.35
N LYS B 260 -15.16 0.06 11.48
CA LYS B 260 -14.30 -0.23 10.34
C LYS B 260 -13.82 -1.66 10.40
N PRO B 261 -13.89 -2.40 9.29
CA PRO B 261 -13.57 -3.83 9.33
C PRO B 261 -12.08 -4.10 9.19
N ILE B 262 -11.65 -5.21 9.77
CA ILE B 262 -10.30 -5.74 9.52
C ILE B 262 -10.13 -6.01 8.03
N ASP B 263 -11.08 -6.75 7.44
CA ASP B 263 -11.08 -6.96 5.99
C ASP B 263 -11.36 -5.62 5.31
N LYS B 264 -10.34 -5.04 4.69
CA LYS B 264 -10.51 -3.74 4.04
C LYS B 264 -11.22 -3.83 2.69
N LYS B 265 -11.46 -5.04 2.17
CA LYS B 265 -12.30 -5.20 0.99
C LYS B 265 -13.76 -4.88 1.27
N ALA B 266 -14.10 -4.57 2.54
CA ALA B 266 -15.37 -4.36 3.22
C ALA B 266 -15.63 -2.88 3.46
N PRO B 267 -16.85 -2.39 3.26
CA PRO B 267 -17.13 -1.00 3.64
C PRO B 267 -17.36 -0.87 5.13
N ASP B 268 -17.01 0.30 5.65
CA ASP B 268 -17.35 0.63 7.02
C ASP B 268 -18.86 0.60 7.21
N PHE B 269 -19.28 0.24 8.41
CA PHE B 269 -20.67 0.42 8.81
C PHE B 269 -20.78 1.71 9.63
N VAL B 270 -21.81 2.50 9.34
CA VAL B 270 -22.03 3.78 9.99
C VAL B 270 -23.48 3.85 10.46
N PHE B 271 -23.67 4.25 11.72
CA PHE B 271 -24.99 4.59 12.24
C PHE B 271 -24.90 5.92 12.98
N TYR B 272 -26.07 6.48 13.27
CA TYR B 272 -26.19 7.79 13.89
C TYR B 272 -26.95 7.63 15.20
N ALA B 273 -26.32 8.08 16.28
CA ALA B 273 -26.95 8.13 17.58
C ALA B 273 -27.85 9.35 17.69
N PRO B 274 -28.80 9.36 18.66
CA PRO B 274 -29.59 10.58 18.90
C PRO B 274 -28.80 11.66 19.64
N ARG B 275 -27.87 11.25 20.50
CA ARG B 275 -27.05 12.19 21.28
C ARG B 275 -25.62 11.71 21.33
N LEU B 276 -24.70 12.66 21.49
CA LEU B 276 -23.29 12.33 21.71
C LEU B 276 -23.14 11.43 22.93
N ARG B 277 -23.96 11.65 23.96
CA ARG B 277 -23.88 10.86 25.17
C ARG B 277 -24.15 9.38 24.90
N ILE B 278 -25.11 9.08 24.02
CA ILE B 278 -25.36 7.70 23.62
C ILE B 278 -24.10 7.06 23.06
N ASN B 279 -23.46 7.74 22.10
CA ASN B 279 -22.24 7.20 21.48
C ASN B 279 -21.14 7.01 22.51
N LYS B 280 -21.04 7.93 23.47
CA LYS B 280 -20.06 7.78 24.54
C LYS B 280 -20.28 6.50 25.34
N ARG B 281 -21.53 6.23 25.73
CA ARG B 281 -21.77 5.04 26.52
C ARG B 281 -21.59 3.77 25.69
N ILE B 282 -21.87 3.85 24.39
CA ILE B 282 -21.61 2.71 23.51
C ILE B 282 -20.12 2.39 23.48
N LEU B 283 -19.29 3.41 23.28
CA LEU B 283 -17.86 3.19 23.20
C LEU B 283 -17.30 2.68 24.52
N ALA B 284 -17.69 3.30 25.65
CA ALA B 284 -17.25 2.76 26.93
C ALA B 284 -17.61 1.28 27.07
N LEU B 285 -18.82 0.89 26.65
CA LEU B 285 -19.21 -0.51 26.78
C LEU B 285 -18.41 -1.42 25.85
N CYS B 286 -18.08 -0.96 24.64
CA CYS B 286 -17.29 -1.78 23.73
C CYS B 286 -15.87 -1.99 24.21
N MET B 287 -15.25 -0.92 24.70
CA MET B 287 -13.87 -1.02 25.17
C MET B 287 -13.78 -1.95 26.38
N GLY B 288 -14.71 -1.79 27.34
CA GLY B 288 -14.74 -2.66 28.49
C GLY B 288 -15.00 -4.12 28.12
N ASN B 289 -15.94 -4.35 27.22
CA ASN B 289 -16.22 -5.73 26.82
C ASN B 289 -15.08 -6.33 26.03
N HIS B 290 -14.50 -5.56 25.08
CA HIS B 290 -13.38 -6.09 24.31
C HIS B 290 -12.21 -6.42 25.22
N GLU B 291 -11.98 -5.59 26.23
CA GLU B 291 -10.89 -5.82 27.18
C GLU B 291 -11.06 -7.15 27.89
N LEU B 292 -12.26 -7.42 28.42
CA LEU B 292 -12.47 -8.69 29.10
C LEU B 292 -12.45 -9.87 28.12
N TYR B 293 -12.85 -9.64 26.87
CA TYR B 293 -12.74 -10.67 25.84
C TYR B 293 -11.28 -11.05 25.61
N MET B 294 -10.39 -10.06 25.49
CA MET B 294 -8.97 -10.36 25.28
C MET B 294 -8.35 -11.01 26.51
N ARG B 295 -8.73 -10.56 27.71
CA ARG B 295 -8.15 -11.13 28.91
C ARG B 295 -8.51 -12.60 29.07
N ARG B 296 -9.71 -12.98 28.62
CA ARG B 296 -10.10 -14.40 28.73
C ARG B 296 -9.22 -15.29 27.86
N ARG B 297 -8.72 -14.75 26.76
CA ARG B 297 -8.01 -15.58 25.77
C ARG B 297 -6.51 -15.32 25.77
N LYS B 298 -5.93 -14.97 26.92
CA LYS B 298 -4.51 -14.59 26.94
C LYS B 298 -3.64 -15.82 27.28
N MET C 3 -35.78 -26.84 -38.72
CA MET C 3 -35.89 -26.75 -37.26
C MET C 3 -34.70 -25.93 -36.77
N PRO C 4 -34.46 -24.72 -37.31
CA PRO C 4 -33.22 -23.98 -37.03
C PRO C 4 -32.98 -23.52 -35.58
N LYS C 5 -31.72 -23.58 -35.17
CA LYS C 5 -31.34 -23.18 -33.79
C LYS C 5 -31.15 -21.67 -33.71
N PRO C 6 -31.41 -21.05 -32.56
CA PRO C 6 -31.14 -19.61 -32.40
C PRO C 6 -29.64 -19.32 -32.41
N ILE C 7 -29.34 -18.04 -32.59
CA ILE C 7 -27.98 -17.55 -32.65
C ILE C 7 -27.65 -16.86 -31.34
N ASN C 8 -26.57 -17.28 -30.69
CA ASN C 8 -26.07 -16.62 -29.51
C ASN C 8 -25.37 -15.33 -29.91
N VAL C 9 -25.61 -14.25 -29.16
CA VAL C 9 -24.96 -12.98 -29.40
C VAL C 9 -24.54 -12.38 -28.07
N ARG C 10 -23.54 -11.50 -28.14
CA ARG C 10 -23.09 -10.72 -27.00
C ARG C 10 -22.91 -9.29 -27.48
N VAL C 11 -23.57 -8.36 -26.80
CA VAL C 11 -23.50 -6.93 -27.13
C VAL C 11 -22.95 -6.21 -25.92
N THR C 12 -21.86 -5.49 -26.11
CA THR C 12 -21.27 -4.69 -25.08
C THR C 12 -21.51 -3.20 -25.35
N THR C 13 -21.88 -2.48 -24.31
CA THR C 13 -21.78 -1.03 -24.29
C THR C 13 -20.51 -0.67 -23.53
N MET C 14 -20.36 0.62 -23.20
CA MET C 14 -19.19 1.07 -22.47
C MET C 14 -19.12 0.52 -21.05
N ASP C 15 -20.23 0.04 -20.49
CA ASP C 15 -20.17 -0.50 -19.13
C ASP C 15 -21.20 -1.60 -18.86
N ALA C 16 -21.78 -2.19 -19.90
CA ALA C 16 -22.75 -3.27 -19.73
C ALA C 16 -22.40 -4.42 -20.65
N GLU C 17 -22.68 -5.62 -20.18
CA GLU C 17 -22.61 -6.83 -21.01
C GLU C 17 -24.03 -7.33 -21.23
N LEU C 18 -24.39 -7.51 -22.49
CA LEU C 18 -25.68 -8.08 -22.86
C LEU C 18 -25.43 -9.38 -23.60
N GLU C 19 -26.02 -10.48 -23.10
CA GLU C 19 -25.90 -11.78 -23.73
C GLU C 19 -27.29 -12.38 -23.87
N PHE C 20 -27.63 -12.83 -25.07
CA PHE C 20 -28.94 -13.42 -25.32
C PHE C 20 -28.93 -14.06 -26.70
N ALA C 21 -30.03 -14.72 -27.03
CA ALA C 21 -30.20 -15.42 -28.29
C ALA C 21 -31.14 -14.65 -29.20
N ILE C 22 -30.98 -14.84 -30.51
CA ILE C 22 -31.84 -14.18 -31.49
C ILE C 22 -32.22 -15.18 -32.58
N GLN C 23 -33.42 -14.97 -33.10
CA GLN C 23 -33.92 -15.71 -34.24
C GLN C 23 -32.91 -15.68 -35.39
N PRO C 24 -32.73 -16.78 -36.12
CA PRO C 24 -31.74 -16.81 -37.21
C PRO C 24 -31.86 -15.69 -38.23
N ASN C 25 -33.08 -15.20 -38.52
CA ASN C 25 -33.23 -14.19 -39.56
C ASN C 25 -33.52 -12.81 -38.99
N THR C 26 -33.21 -12.59 -37.71
CA THR C 26 -33.32 -11.27 -37.11
C THR C 26 -32.52 -10.25 -37.93
N THR C 27 -33.14 -9.11 -38.19
CA THR C 27 -32.44 -8.04 -38.88
C THR C 27 -31.56 -7.26 -37.91
N GLY C 28 -30.62 -6.51 -38.49
CA GLY C 28 -29.81 -5.62 -37.66
C GLY C 28 -30.66 -4.67 -36.83
N LYS C 29 -31.69 -4.10 -37.45
CA LYS C 29 -32.58 -3.19 -36.74
C LYS C 29 -33.30 -3.89 -35.59
N GLN C 30 -33.66 -5.16 -35.76
CA GLN C 30 -34.36 -5.87 -34.68
C GLN C 30 -33.42 -6.18 -33.54
N LEU C 31 -32.17 -6.58 -33.85
CA LEU C 31 -31.18 -6.71 -32.79
C LEU C 31 -30.93 -5.38 -32.12
N PHE C 32 -30.74 -4.33 -32.93
CA PHE C 32 -30.51 -2.99 -32.40
C PHE C 32 -31.60 -2.56 -31.44
N ASP C 33 -32.85 -2.94 -31.73
CA ASP C 33 -33.96 -2.53 -30.88
C ASP C 33 -33.96 -3.30 -29.55
N GLN C 34 -33.58 -4.59 -29.58
CA GLN C 34 -33.54 -5.35 -28.34
C GLN C 34 -32.47 -4.80 -27.40
N VAL C 35 -31.29 -4.48 -27.93
CA VAL C 35 -30.25 -3.86 -27.11
C VAL C 35 -30.78 -2.58 -26.49
N VAL C 36 -31.42 -1.75 -27.30
CA VAL C 36 -31.82 -0.42 -26.86
C VAL C 36 -32.90 -0.50 -25.78
N LYS C 37 -33.86 -1.43 -25.95
CA LYS C 37 -34.91 -1.58 -24.94
C LYS C 37 -34.33 -2.14 -23.64
N THR C 38 -33.38 -3.06 -23.74
CA THR C 38 -32.82 -3.66 -22.53
C THR C 38 -32.10 -2.64 -21.67
N VAL C 39 -31.43 -1.66 -22.27
CA VAL C 39 -30.70 -0.66 -21.49
C VAL C 39 -31.52 0.58 -21.21
N GLY C 40 -32.66 0.76 -21.87
CA GLY C 40 -33.52 1.90 -21.61
C GLY C 40 -32.98 3.18 -22.21
N LEU C 41 -32.59 3.13 -23.48
CA LEU C 41 -32.02 4.27 -24.18
C LEU C 41 -32.97 4.69 -25.29
N ARG C 42 -33.35 5.97 -25.30
CA ARG C 42 -34.28 6.46 -26.31
C ARG C 42 -33.63 7.31 -27.39
N GLU C 43 -32.49 7.93 -27.10
CA GLU C 43 -31.79 8.77 -28.08
C GLU C 43 -30.88 7.89 -28.93
N VAL C 44 -31.53 7.03 -29.71
CA VAL C 44 -30.86 5.93 -30.39
C VAL C 44 -30.19 6.34 -31.69
N TRP C 45 -30.54 7.51 -32.24
CA TRP C 45 -30.06 7.90 -33.56
C TRP C 45 -28.56 8.18 -33.60
N PHE C 46 -27.89 8.28 -32.45
CA PHE C 46 -26.44 8.46 -32.44
C PHE C 46 -25.66 7.16 -32.60
N PHE C 47 -26.27 6.02 -32.28
CA PHE C 47 -25.51 4.80 -32.03
C PHE C 47 -25.63 3.82 -33.19
N GLY C 48 -24.71 2.85 -33.17
CA GLY C 48 -24.74 1.74 -34.10
C GLY C 48 -24.18 0.53 -33.40
N LEU C 49 -24.20 -0.59 -34.12
CA LEU C 49 -23.62 -1.84 -33.64
C LEU C 49 -22.42 -2.16 -34.51
N GLN C 50 -21.29 -2.34 -33.85
CA GLN C 50 -20.00 -2.57 -34.51
C GLN C 50 -19.69 -4.05 -34.43
N TYR C 51 -19.15 -4.60 -35.51
CA TYR C 51 -18.75 -5.99 -35.50
C TYR C 51 -17.47 -6.17 -36.30
N VAL C 52 -16.94 -7.38 -36.22
CA VAL C 52 -15.75 -7.79 -36.95
C VAL C 52 -16.19 -8.78 -38.03
N ASP C 53 -15.76 -8.55 -39.26
CA ASP C 53 -16.05 -9.49 -40.37
C ASP C 53 -15.09 -10.70 -40.32
N SER C 54 -15.27 -11.60 -41.28
CA SER C 54 -14.51 -12.86 -41.49
C SER C 54 -13.02 -12.58 -41.60
N LYS C 55 -12.65 -11.42 -42.15
CA LYS C 55 -11.23 -11.09 -42.41
C LYS C 55 -10.69 -10.13 -41.35
N GLY C 56 -11.44 -9.87 -40.28
CA GLY C 56 -10.95 -9.03 -39.20
C GLY C 56 -11.20 -7.54 -39.34
N TYR C 57 -12.05 -7.12 -40.29
CA TYR C 57 -12.35 -5.71 -40.48
C TYR C 57 -13.50 -5.29 -39.59
N SER C 58 -13.28 -4.28 -38.77
CA SER C 58 -14.36 -3.69 -37.99
C SER C 58 -15.37 -3.03 -38.92
N THR C 59 -16.67 -3.20 -38.61
CA THR C 59 -17.72 -2.89 -39.56
C THR C 59 -18.97 -2.46 -38.79
N TRP C 60 -19.68 -1.46 -39.31
CA TRP C 60 -20.97 -1.08 -38.77
C TRP C 60 -22.05 -2.03 -39.29
N LEU C 61 -22.84 -2.58 -38.39
CA LEU C 61 -23.90 -3.47 -38.80
C LEU C 61 -24.97 -2.70 -39.57
N LYS C 62 -25.38 -3.22 -40.73
CA LYS C 62 -26.44 -2.58 -41.50
C LYS C 62 -27.78 -3.04 -40.93
N LEU C 63 -28.62 -2.07 -40.56
CA LEU C 63 -29.81 -2.38 -39.78
C LEU C 63 -30.91 -3.01 -40.63
N ASN C 64 -30.94 -2.70 -41.93
CA ASN C 64 -31.97 -3.23 -42.85
C ASN C 64 -31.49 -4.46 -43.60
N LYS C 65 -30.45 -5.14 -43.11
CA LYS C 65 -30.06 -6.45 -43.62
C LYS C 65 -30.06 -7.43 -42.46
N LYS C 66 -30.07 -8.72 -42.80
CA LYS C 66 -30.08 -9.76 -41.78
C LYS C 66 -28.70 -9.88 -41.15
N VAL C 67 -28.69 -10.18 -39.84
CA VAL C 67 -27.45 -10.24 -39.09
C VAL C 67 -26.55 -11.37 -39.57
N THR C 68 -27.14 -12.47 -40.05
CA THR C 68 -26.36 -13.59 -40.55
C THR C 68 -25.95 -13.42 -42.02
N GLN C 69 -26.31 -12.32 -42.66
CA GLN C 69 -26.00 -12.13 -44.08
C GLN C 69 -25.00 -11.00 -44.29
N GLN C 70 -24.22 -10.69 -43.26
CA GLN C 70 -23.28 -9.54 -43.31
C GLN C 70 -21.83 -9.96 -43.00
N ASP C 71 -21.49 -11.24 -43.17
CA ASP C 71 -20.12 -11.77 -42.97
C ASP C 71 -19.62 -11.50 -41.55
N VAL C 72 -20.51 -11.62 -40.58
CA VAL C 72 -20.06 -11.50 -39.16
C VAL C 72 -19.21 -12.73 -38.86
N LYS C 73 -18.16 -12.57 -38.06
CA LYS C 73 -17.21 -13.66 -37.75
C LYS C 73 -17.93 -14.79 -37.02
N LYS C 74 -17.65 -16.02 -37.43
CA LYS C 74 -18.32 -17.19 -36.83
C LYS C 74 -17.71 -17.48 -35.46
N GLU C 75 -18.43 -17.12 -34.40
CA GLU C 75 -17.97 -17.40 -33.02
C GLU C 75 -19.23 -17.77 -32.23
N ASN C 76 -19.07 -18.36 -31.05
CA ASN C 76 -20.28 -18.86 -30.35
C ASN C 76 -21.15 -17.65 -30.04
N PRO C 77 -20.81 -16.80 -29.06
CA PRO C 77 -21.58 -15.62 -28.90
C PRO C 77 -21.05 -14.73 -30.03
N LEU C 78 -21.88 -14.36 -30.99
CA LEU C 78 -21.43 -13.35 -32.00
C LEU C 78 -21.12 -12.09 -31.19
N GLN C 79 -20.10 -11.31 -31.57
CA GLN C 79 -19.66 -10.19 -30.74
C GLN C 79 -20.04 -8.88 -31.41
N PHE C 80 -20.78 -8.04 -30.67
CA PHE C 80 -21.14 -6.72 -31.15
C PHE C 80 -20.74 -5.68 -30.11
N LYS C 81 -20.30 -4.53 -30.60
CA LYS C 81 -20.03 -3.38 -29.74
C LYS C 81 -21.07 -2.31 -30.04
N PHE C 82 -21.81 -1.92 -29.02
CA PHE C 82 -22.77 -0.82 -29.10
C PHE C 82 -22.02 0.49 -28.86
N ARG C 83 -21.91 1.33 -29.90
CA ARG C 83 -21.07 2.52 -29.83
C ARG C 83 -21.73 3.67 -30.57
N ALA C 84 -21.39 4.89 -30.17
CA ALA C 84 -21.85 6.06 -30.91
C ALA C 84 -21.14 6.16 -32.26
N LYS C 85 -21.93 6.26 -33.32
CA LYS C 85 -21.42 6.52 -34.66
C LYS C 85 -21.48 8.00 -35.05
N PHE C 86 -22.45 8.74 -34.50
CA PHE C 86 -22.60 10.17 -34.78
C PHE C 86 -22.52 10.96 -33.48
N PHE C 87 -21.96 12.16 -33.55
CA PHE C 87 -21.78 12.94 -32.35
C PHE C 87 -22.58 14.23 -32.43
N PRO C 88 -23.17 14.66 -31.32
CA PRO C 88 -24.02 15.86 -31.36
C PRO C 88 -23.22 17.11 -31.62
N GLU C 89 -23.92 18.14 -32.12
CA GLU C 89 -23.30 19.44 -32.27
C GLU C 89 -23.13 20.14 -30.93
N ASP C 90 -23.98 19.82 -29.95
CA ASP C 90 -23.85 20.37 -28.61
C ASP C 90 -24.35 19.33 -27.62
N VAL C 91 -23.45 18.82 -26.77
CA VAL C 91 -23.83 17.73 -25.87
C VAL C 91 -24.86 18.18 -24.83
N SER C 92 -24.90 19.47 -24.51
CA SER C 92 -25.85 19.92 -23.49
C SER C 92 -27.27 19.95 -24.04
N GLU C 93 -27.43 20.38 -25.28
CA GLU C 93 -28.75 20.43 -25.88
C GLU C 93 -29.29 19.06 -26.23
N GLU C 94 -28.42 18.13 -26.60
CA GLU C 94 -28.87 16.93 -27.29
C GLU C 94 -28.83 15.65 -26.47
N LEU C 95 -28.09 15.61 -25.36
CA LEU C 95 -27.95 14.38 -24.56
C LEU C 95 -28.77 14.58 -23.29
N ILE C 96 -29.97 14.01 -23.26
CA ILE C 96 -30.92 14.24 -22.18
C ILE C 96 -30.88 13.12 -21.16
N GLN C 97 -31.00 11.86 -21.60
CA GLN C 97 -30.97 10.75 -20.66
C GLN C 97 -29.61 10.63 -20.00
N GLU C 98 -29.63 10.16 -18.74
CA GLU C 98 -28.36 9.95 -18.04
C GLU C 98 -27.53 8.87 -18.70
N ILE C 99 -28.18 7.80 -19.18
CA ILE C 99 -27.43 6.71 -19.79
C ILE C 99 -26.79 7.16 -21.10
N THR C 100 -27.50 7.98 -21.87
CA THR C 100 -26.93 8.51 -23.10
C THR C 100 -25.73 9.39 -22.80
N GLN C 101 -25.85 10.26 -21.80
CA GLN C 101 -24.71 11.09 -21.40
C GLN C 101 -23.56 10.24 -20.89
N ARG C 102 -23.87 9.19 -20.14
CA ARG C 102 -22.82 8.35 -19.58
C ARG C 102 -22.13 7.51 -20.67
N LEU C 103 -22.90 7.05 -21.66
CA LEU C 103 -22.31 6.28 -22.74
C LEU C 103 -21.36 7.14 -23.58
N PHE C 104 -21.74 8.39 -23.86
CA PHE C 104 -20.84 9.27 -24.59
C PHE C 104 -19.62 9.62 -23.75
N PHE C 105 -19.82 9.82 -22.44
CA PHE C 105 -18.71 10.18 -21.58
C PHE C 105 -17.65 9.08 -21.59
N LEU C 106 -18.08 7.83 -21.46
CA LEU C 106 -17.13 6.74 -21.38
C LEU C 106 -16.43 6.55 -22.73
N GLN C 107 -17.15 6.73 -23.83
CA GLN C 107 -16.55 6.53 -25.14
C GLN C 107 -15.61 7.68 -25.50
N VAL C 108 -16.01 8.92 -25.23
CA VAL C 108 -15.14 10.04 -25.55
C VAL C 108 -13.87 10.00 -24.71
N LYS C 109 -14.00 9.71 -23.41
CA LYS C 109 -12.80 9.61 -22.58
C LYS C 109 -11.89 8.49 -23.05
N GLU C 110 -12.48 7.38 -23.51
CA GLU C 110 -11.68 6.29 -24.06
C GLU C 110 -10.87 6.74 -25.26
N ALA C 111 -11.45 7.59 -26.11
CA ALA C 111 -10.70 8.09 -27.26
C ALA C 111 -9.59 9.02 -26.84
N ILE C 112 -9.87 9.93 -25.91
CA ILE C 112 -8.86 10.89 -25.46
C ILE C 112 -7.68 10.15 -24.84
N LEU C 113 -7.96 9.22 -23.93
CA LEU C 113 -6.91 8.48 -23.27
C LEU C 113 -6.19 7.51 -24.21
N ASN C 114 -6.76 7.23 -25.37
CA ASN C 114 -6.11 6.44 -26.40
C ASN C 114 -5.36 7.30 -27.42
N ASP C 115 -5.22 8.60 -27.16
CA ASP C 115 -4.54 9.55 -28.04
C ASP C 115 -5.20 9.67 -29.42
N GLU C 116 -6.48 9.33 -29.54
CA GLU C 116 -7.17 9.51 -30.82
C GLU C 116 -7.44 10.98 -31.10
N ILE C 117 -7.67 11.77 -30.06
CA ILE C 117 -7.93 13.19 -30.18
C ILE C 117 -6.74 13.95 -29.62
N TYR C 118 -6.23 14.92 -30.37
CA TYR C 118 -5.24 15.82 -29.82
C TYR C 118 -5.85 16.57 -28.64
N CYS C 119 -5.07 16.72 -27.58
CA CYS C 119 -5.52 17.43 -26.40
C CYS C 119 -4.38 18.22 -25.76
N PRO C 120 -4.55 19.52 -25.56
CA PRO C 120 -3.53 20.28 -24.84
C PRO C 120 -3.34 19.73 -23.45
N PRO C 121 -2.12 19.80 -22.90
CA PRO C 121 -1.88 19.24 -21.56
C PRO C 121 -2.74 19.87 -20.47
N GLU C 122 -2.94 21.19 -20.49
CA GLU C 122 -3.81 21.82 -19.50
C GLU C 122 -5.21 21.24 -19.57
N THR C 123 -5.73 21.05 -20.78
CA THR C 123 -7.07 20.50 -20.95
C THR C 123 -7.14 19.06 -20.45
N ALA C 124 -6.09 18.27 -20.72
CA ALA C 124 -6.07 16.88 -20.26
C ALA C 124 -6.11 16.78 -18.75
N VAL C 125 -5.45 17.71 -18.06
CA VAL C 125 -5.52 17.75 -16.61
C VAL C 125 -6.94 18.09 -16.16
N LEU C 126 -7.53 19.12 -16.76
CA LEU C 126 -8.88 19.52 -16.38
C LEU C 126 -9.90 18.44 -16.70
N LEU C 127 -9.73 17.79 -17.86
CA LEU C 127 -10.61 16.67 -18.21
C LEU C 127 -10.53 15.57 -17.16
N ALA C 128 -9.31 15.19 -16.77
CA ALA C 128 -9.13 14.12 -15.79
C ALA C 128 -9.70 14.52 -14.42
N SER C 129 -9.68 15.81 -14.10
CA SER C 129 -10.25 16.26 -12.83
C SER C 129 -11.76 16.04 -12.81
N TYR C 130 -12.42 16.25 -13.94
CA TYR C 130 -13.85 15.98 -13.97
C TYR C 130 -14.11 14.48 -13.93
N ALA C 131 -13.18 13.68 -14.46
CA ALA C 131 -13.40 12.23 -14.49
C ALA C 131 -13.30 11.63 -13.09
N VAL C 132 -12.42 12.17 -12.24
CA VAL C 132 -12.30 11.62 -10.88
C VAL C 132 -13.41 12.15 -9.98
N GLN C 133 -13.92 13.36 -10.23
CA GLN C 133 -15.11 13.81 -9.51
C GLN C 133 -16.29 12.92 -9.82
N ALA C 134 -16.39 12.41 -11.04
CA ALA C 134 -17.47 11.49 -11.37
C ALA C 134 -17.21 10.10 -10.80
N LYS C 135 -15.94 9.71 -10.67
CA LYS C 135 -15.63 8.38 -10.15
C LYS C 135 -15.61 8.37 -8.62
N TYR C 136 -14.91 9.31 -8.00
CA TYR C 136 -14.73 9.31 -6.56
C TYR C 136 -15.70 10.21 -5.81
N GLY C 137 -16.31 11.17 -6.47
CA GLY C 137 -17.11 12.16 -5.77
C GLY C 137 -16.27 13.33 -5.30
N ASP C 138 -16.78 14.01 -4.26
CA ASP C 138 -16.07 15.16 -3.72
C ASP C 138 -14.71 14.76 -3.18
N TYR C 139 -13.78 15.72 -3.16
CA TYR C 139 -12.49 15.46 -2.52
C TYR C 139 -12.66 15.51 -1.01
N ASN C 140 -12.17 14.47 -0.34
CA ASN C 140 -12.27 14.37 1.11
C ASN C 140 -10.97 13.78 1.65
N LYS C 141 -10.18 14.62 2.32
CA LYS C 141 -8.93 14.19 2.94
C LYS C 141 -9.13 12.97 3.86
N GLU C 142 -10.35 12.75 4.35
CA GLU C 142 -10.59 11.68 5.30
C GLU C 142 -10.46 10.30 4.66
N ILE C 143 -10.84 10.18 3.38
CA ILE C 143 -10.78 8.92 2.65
C ILE C 143 -9.78 8.97 1.50
N HIS C 144 -9.67 10.11 0.83
CA HIS C 144 -8.78 10.27 -0.33
C HIS C 144 -7.40 10.69 0.16
N LYS C 145 -6.66 9.72 0.68
CA LYS C 145 -5.35 10.00 1.24
C LYS C 145 -4.33 10.09 0.10
N PRO C 146 -3.17 10.72 0.35
CA PRO C 146 -2.23 11.00 -0.75
C PRO C 146 -1.94 9.78 -1.62
N GLY C 147 -1.85 10.02 -2.93
CA GLY C 147 -1.73 8.93 -3.88
C GLY C 147 -3.00 8.13 -4.04
N TYR C 148 -4.15 8.78 -3.86
CA TYR C 148 -5.46 8.09 -3.99
C TYR C 148 -5.78 7.79 -5.45
N LEU C 149 -4.94 8.20 -6.38
CA LEU C 149 -5.27 8.03 -7.82
C LEU C 149 -4.17 7.26 -8.55
N ALA C 150 -3.17 6.77 -7.84
CA ALA C 150 -2.01 6.14 -8.51
C ALA C 150 -2.39 4.97 -9.41
N ASN C 151 -3.46 4.28 -9.08
CA ASN C 151 -3.94 3.17 -9.89
C ASN C 151 -5.00 3.61 -10.88
N ASP C 152 -4.98 4.87 -11.31
CA ASP C 152 -5.96 5.40 -12.25
C ASP C 152 -5.26 5.87 -13.51
N ARG C 153 -5.77 5.41 -14.67
CA ARG C 153 -5.36 5.95 -15.95
C ARG C 153 -6.07 7.28 -16.15
N LEU C 154 -5.31 8.37 -16.16
CA LEU C 154 -5.87 9.71 -16.10
C LEU C 154 -5.49 10.60 -17.27
N LEU C 155 -4.37 10.35 -17.93
CA LEU C 155 -3.88 11.24 -18.97
C LEU C 155 -3.49 10.45 -20.21
N PRO C 156 -3.53 11.12 -21.38
CA PRO C 156 -3.05 10.50 -22.61
C PRO C 156 -1.53 10.40 -22.61
N GLN C 157 -0.99 9.33 -23.22
CA GLN C 157 0.48 9.12 -23.27
C GLN C 157 1.15 10.29 -23.98
N ARG C 158 0.67 10.66 -25.16
CA ARG C 158 1.33 11.75 -25.91
C ARG C 158 1.48 12.97 -25.01
N VAL C 159 0.55 13.16 -24.05
CA VAL C 159 0.68 14.27 -23.09
C VAL C 159 1.84 13.95 -22.16
N LEU C 160 1.85 12.72 -21.65
CA LEU C 160 2.90 12.30 -20.71
C LEU C 160 4.23 12.24 -21.45
N GLU C 161 4.19 12.03 -22.76
CA GLU C 161 5.42 11.87 -23.58
C GLU C 161 5.98 13.26 -23.86
N GLN C 162 5.11 14.24 -24.01
CA GLN C 162 5.58 15.62 -24.21
C GLN C 162 5.82 16.21 -22.82
N HIS C 163 4.96 17.15 -22.42
CA HIS C 163 5.12 17.76 -21.06
C HIS C 163 5.79 16.74 -20.16
N LYS C 164 7.02 17.01 -19.73
CA LYS C 164 7.67 16.10 -18.75
C LYS C 164 7.20 16.49 -17.36
N LEU C 165 7.13 15.53 -16.44
CA LEU C 165 6.60 15.81 -15.10
C LEU C 165 6.51 14.46 -14.42
N THR C 166 6.18 14.43 -13.14
CA THR C 166 6.19 13.15 -12.41
C THR C 166 4.78 12.62 -12.25
N LYS C 167 4.64 11.29 -12.25
CA LYS C 167 3.32 10.65 -12.03
C LYS C 167 2.65 11.35 -10.84
N GLU C 168 3.36 11.46 -9.73
CA GLU C 168 2.77 12.09 -8.52
C GLU C 168 2.54 13.57 -8.79
N GLN C 169 3.43 14.20 -9.53
CA GLN C 169 3.27 15.63 -9.86
C GLN C 169 1.96 15.78 -10.66
N TRP C 170 1.81 14.97 -11.71
CA TRP C 170 0.57 15.00 -12.52
C TRP C 170 -0.61 14.71 -11.60
N GLU C 171 -0.46 13.69 -10.76
CA GLU C 171 -1.56 13.37 -9.86
C GLU C 171 -1.86 14.52 -8.92
N GLU C 172 -0.82 15.17 -8.39
CA GLU C 172 -1.02 16.30 -7.50
C GLU C 172 -1.76 17.43 -8.20
N ARG C 173 -1.38 17.71 -9.45
CA ARG C 173 -2.06 18.78 -10.19
C ARG C 173 -3.50 18.43 -10.52
N ILE C 174 -3.80 17.14 -10.69
CA ILE C 174 -5.18 16.74 -10.97
C ILE C 174 -6.04 16.82 -9.71
N GLN C 175 -5.51 16.37 -8.58
CA GLN C 175 -6.30 16.37 -7.35
C GLN C 175 -6.61 17.79 -6.90
N ASN C 176 -5.71 18.74 -7.20
CA ASN C 176 -6.02 20.15 -6.94
C ASN C 176 -7.28 20.55 -7.69
N TRP C 177 -7.32 20.29 -8.98
CA TRP C 177 -8.52 20.61 -9.76
C TRP C 177 -9.73 19.81 -9.28
N HIS C 178 -9.51 18.57 -8.83
CA HIS C 178 -10.59 17.78 -8.25
C HIS C 178 -11.21 18.50 -7.06
N GLU C 179 -10.38 19.13 -6.22
CA GLU C 179 -10.89 19.80 -5.02
C GLU C 179 -11.89 20.89 -5.37
N GLU C 180 -11.65 21.63 -6.46
CA GLU C 180 -12.51 22.74 -6.80
C GLU C 180 -13.90 22.31 -7.27
N HIS C 181 -14.13 21.02 -7.46
CA HIS C 181 -15.42 20.49 -7.92
C HIS C 181 -16.26 19.95 -6.78
N ARG C 182 -16.11 20.51 -5.58
CA ARG C 182 -16.72 19.96 -4.37
C ARG C 182 -18.24 19.92 -4.42
N GLY C 183 -18.89 20.78 -5.20
CA GLY C 183 -20.33 20.73 -5.25
C GLY C 183 -20.93 20.01 -6.45
N MET C 184 -20.12 19.20 -7.14
CA MET C 184 -20.49 18.66 -8.44
C MET C 184 -20.97 17.22 -8.31
N LEU C 185 -22.22 16.97 -8.71
CA LEU C 185 -22.75 15.62 -8.78
C LEU C 185 -22.05 14.84 -9.89
N ARG C 186 -22.19 13.51 -9.81
CA ARG C 186 -21.48 12.63 -10.75
C ARG C 186 -21.92 12.89 -12.19
N GLU C 187 -23.23 12.98 -12.43
CA GLU C 187 -23.73 13.20 -13.78
C GLU C 187 -23.34 14.57 -14.32
N ASP C 188 -23.29 15.58 -13.45
CA ASP C 188 -22.85 16.90 -13.91
C ASP C 188 -21.38 16.91 -14.25
N SER C 189 -20.57 16.10 -13.54
CA SER C 189 -19.14 16.05 -13.84
C SER C 189 -18.88 15.41 -15.19
N MET C 190 -19.67 14.39 -15.56
CA MET C 190 -19.54 13.79 -16.88
C MET C 190 -19.87 14.79 -17.98
N MET C 191 -20.89 15.62 -17.76
CA MET C 191 -21.26 16.58 -18.79
C MET C 191 -20.25 17.71 -18.94
N GLU C 192 -19.67 18.19 -17.84
CA GLU C 192 -18.60 19.18 -17.95
C GLU C 192 -17.42 18.61 -18.72
N TYR C 193 -17.07 17.35 -18.46
CA TYR C 193 -16.09 16.66 -19.27
C TYR C 193 -16.44 16.76 -20.74
N LEU C 194 -17.69 16.40 -21.09
CA LEU C 194 -18.07 16.33 -22.50
C LEU C 194 -18.06 17.70 -23.16
N LYS C 195 -18.46 18.74 -22.43
CA LYS C 195 -18.49 20.08 -23.01
C LYS C 195 -17.08 20.60 -23.24
N ILE C 196 -16.13 20.21 -22.40
CA ILE C 196 -14.74 20.50 -22.70
C ILE C 196 -14.30 19.73 -23.94
N ALA C 197 -14.60 18.43 -24.00
CA ALA C 197 -14.04 17.59 -25.06
C ALA C 197 -14.58 17.99 -26.42
N GLN C 198 -15.85 18.40 -26.51
CA GLN C 198 -16.45 18.65 -27.81
C GLN C 198 -15.89 19.88 -28.49
N ASP C 199 -15.16 20.72 -27.76
CA ASP C 199 -14.51 21.88 -28.36
C ASP C 199 -13.13 21.58 -28.95
N LEU C 200 -12.56 20.41 -28.66
CA LEU C 200 -11.28 20.05 -29.26
C LEU C 200 -11.42 19.88 -30.77
N GLU C 201 -10.38 20.30 -31.51
CA GLU C 201 -10.48 20.36 -32.96
C GLU C 201 -10.74 19.00 -33.60
N MET C 202 -10.13 17.94 -33.07
CA MET C 202 -10.29 16.61 -33.65
C MET C 202 -11.52 15.87 -33.16
N TYR C 203 -12.28 16.46 -32.23
CA TYR C 203 -13.43 15.79 -31.65
C TYR C 203 -14.52 15.59 -32.71
N GLY C 204 -15.12 14.40 -32.70
CA GLY C 204 -16.22 14.10 -33.60
C GLY C 204 -15.88 14.12 -35.08
N VAL C 205 -14.60 13.96 -35.44
CA VAL C 205 -14.18 13.94 -36.83
C VAL C 205 -13.76 12.52 -37.19
N ASN C 206 -14.35 11.98 -38.25
CA ASN C 206 -13.93 10.71 -38.84
C ASN C 206 -12.89 11.00 -39.91
N TYR C 207 -11.68 10.47 -39.73
CA TYR C 207 -10.55 10.72 -40.61
C TYR C 207 -10.34 9.54 -41.55
N PHE C 208 -9.97 9.85 -42.79
CA PHE C 208 -9.65 8.83 -43.79
C PHE C 208 -8.47 9.30 -44.60
N GLU C 209 -7.48 8.42 -44.78
CA GLU C 209 -6.32 8.73 -45.61
C GLU C 209 -6.70 8.68 -47.07
N ILE C 210 -6.32 9.72 -47.82
CA ILE C 210 -6.76 9.90 -49.19
C ILE C 210 -5.64 10.60 -49.95
N LYS C 211 -5.84 10.75 -51.27
CA LYS C 211 -4.90 11.44 -52.12
C LYS C 211 -5.68 12.31 -53.11
N ASN C 212 -5.02 13.32 -53.63
CA ASN C 212 -5.61 14.12 -54.69
C ASN C 212 -5.07 13.64 -56.04
N LYS C 213 -5.39 14.40 -57.08
CA LYS C 213 -5.06 14.01 -58.46
C LYS C 213 -3.57 13.75 -58.62
N LYS C 214 -2.73 14.68 -58.15
CA LYS C 214 -1.29 14.53 -58.29
C LYS C 214 -0.69 13.49 -57.36
N GLY C 215 -1.50 12.88 -56.49
CA GLY C 215 -1.01 11.87 -55.56
C GLY C 215 -0.55 12.41 -54.22
N THR C 216 -0.79 13.68 -53.93
CA THR C 216 -0.47 14.23 -52.62
C THR C 216 -1.31 13.54 -51.54
N GLU C 217 -0.65 13.07 -50.49
CA GLU C 217 -1.33 12.41 -49.37
C GLU C 217 -2.06 13.45 -48.52
N LEU C 218 -3.35 13.20 -48.26
CA LEU C 218 -4.20 14.11 -47.51
C LEU C 218 -5.04 13.32 -46.52
N TRP C 219 -5.72 14.04 -45.63
CA TRP C 219 -6.74 13.48 -44.76
C TRP C 219 -8.09 14.03 -45.15
N LEU C 220 -9.08 13.15 -45.29
CA LEU C 220 -10.47 13.54 -45.44
C LEU C 220 -11.14 13.42 -44.08
N GLY C 221 -11.84 14.48 -43.67
CA GLY C 221 -12.60 14.47 -42.42
C GLY C 221 -14.09 14.56 -42.70
N VAL C 222 -14.87 13.80 -41.95
CA VAL C 222 -16.33 13.88 -41.97
C VAL C 222 -16.79 14.10 -40.54
N ASP C 223 -17.59 15.14 -40.33
CA ASP C 223 -18.15 15.43 -39.01
C ASP C 223 -19.59 15.88 -39.17
N ALA C 224 -20.19 16.29 -38.06
CA ALA C 224 -21.59 16.69 -38.05
C ALA C 224 -21.89 17.84 -39.01
N LEU C 225 -20.91 18.68 -39.33
CA LEU C 225 -21.14 19.90 -40.06
C LEU C 225 -20.80 19.83 -41.54
N GLY C 226 -20.13 18.78 -41.98
CA GLY C 226 -19.69 18.70 -43.35
C GLY C 226 -18.43 17.87 -43.45
N LEU C 227 -17.70 18.10 -44.53
CA LEU C 227 -16.42 17.48 -44.83
C LEU C 227 -15.29 18.49 -44.74
N ASN C 228 -14.08 17.98 -44.55
CA ASN C 228 -12.88 18.80 -44.52
C ASN C 228 -11.72 18.03 -45.11
N ILE C 229 -10.81 18.77 -45.74
CA ILE C 229 -9.54 18.24 -46.23
C ILE C 229 -8.42 18.79 -45.35
N TYR C 230 -7.54 17.91 -44.88
CA TYR C 230 -6.40 18.29 -44.07
C TYR C 230 -5.11 17.89 -44.78
N GLU C 231 -4.07 18.73 -44.65
CA GLU C 231 -2.75 18.30 -45.10
C GLU C 231 -2.26 17.15 -44.23
N HIS C 232 -1.31 16.38 -44.78
CA HIS C 232 -0.99 15.08 -44.18
C HIS C 232 -0.50 15.23 -42.75
N ASP C 233 0.18 16.32 -42.43
CA ASP C 233 0.80 16.53 -41.13
C ASP C 233 -0.02 17.48 -40.23
N ASP C 234 -1.28 17.74 -40.56
CA ASP C 234 -2.05 18.64 -39.69
C ASP C 234 -3.53 18.25 -39.74
N LYS C 235 -3.91 17.35 -38.84
CA LYS C 235 -5.29 16.92 -38.69
C LYS C 235 -6.10 17.85 -37.81
N LEU C 236 -5.51 18.95 -37.36
CA LEU C 236 -6.20 19.89 -36.47
C LEU C 236 -6.99 20.93 -37.25
N THR C 237 -6.39 21.50 -38.29
CA THR C 237 -6.96 22.66 -38.98
C THR C 237 -7.19 22.31 -40.43
N PRO C 238 -8.45 22.35 -40.90
CA PRO C 238 -8.73 22.02 -42.30
C PRO C 238 -8.03 22.98 -43.23
N LYS C 239 -7.58 22.45 -44.37
CA LYS C 239 -7.11 23.27 -45.46
C LYS C 239 -8.24 23.72 -46.38
N ILE C 240 -9.29 22.91 -46.50
CA ILE C 240 -10.46 23.22 -47.33
C ILE C 240 -11.70 22.75 -46.58
N GLY C 241 -12.70 23.62 -46.49
CA GLY C 241 -13.94 23.32 -45.79
C GLY C 241 -15.05 23.03 -46.78
N PHE C 242 -15.88 22.06 -46.45
CA PHE C 242 -17.04 21.68 -47.26
C PHE C 242 -18.27 21.58 -46.36
N PRO C 243 -18.79 22.72 -45.89
CA PRO C 243 -20.04 22.69 -45.13
C PRO C 243 -21.17 22.15 -45.99
N TRP C 244 -22.11 21.46 -45.35
CA TRP C 244 -23.24 20.88 -46.07
C TRP C 244 -23.89 21.89 -47.02
N SER C 245 -24.16 23.10 -46.52
CA SER C 245 -24.88 24.13 -47.26
C SER C 245 -24.22 24.45 -48.61
N GLU C 246 -22.92 24.19 -48.74
CA GLU C 246 -22.22 24.49 -49.98
C GLU C 246 -22.10 23.28 -50.90
N ILE C 247 -22.58 22.12 -50.47
CA ILE C 247 -22.43 20.89 -51.24
C ILE C 247 -23.75 20.58 -51.94
N ARG C 248 -23.69 20.36 -53.25
CA ARG C 248 -24.85 19.97 -54.04
C ARG C 248 -25.04 18.46 -54.12
N ASN C 249 -23.95 17.69 -54.26
CA ASN C 249 -24.04 16.24 -54.36
C ASN C 249 -22.68 15.64 -54.09
N ILE C 250 -22.65 14.48 -53.41
CA ILE C 250 -21.42 13.73 -53.21
C ILE C 250 -21.60 12.35 -53.83
N SER C 251 -20.56 11.89 -54.54
CA SER C 251 -20.61 10.60 -55.21
C SER C 251 -19.26 9.93 -55.09
N PHE C 252 -19.27 8.64 -55.49
CA PHE C 252 -18.02 7.85 -55.55
C PHE C 252 -18.19 6.78 -56.64
N ASN C 253 -17.16 6.58 -57.46
CA ASN C 253 -17.17 5.45 -58.44
C ASN C 253 -15.84 4.73 -58.23
N ASP C 254 -15.91 3.55 -57.64
CA ASP C 254 -14.69 2.80 -57.31
C ASP C 254 -14.01 3.81 -56.37
N LYS C 255 -12.80 4.19 -56.69
CA LYS C 255 -11.91 4.88 -55.73
C LYS C 255 -12.04 6.41 -55.86
N LYS C 256 -12.65 6.88 -56.94
CA LYS C 256 -12.72 8.32 -57.14
C LYS C 256 -14.00 8.85 -56.49
N PHE C 257 -13.83 9.66 -55.46
CA PHE C 257 -14.93 10.34 -54.78
C PHE C 257 -14.98 11.78 -55.29
N VAL C 258 -16.19 12.31 -55.50
CA VAL C 258 -16.32 13.66 -56.05
C VAL C 258 -17.34 14.45 -55.24
N ILE C 259 -16.96 15.66 -54.84
CA ILE C 259 -17.83 16.58 -54.11
C ILE C 259 -18.16 17.73 -55.05
N LYS C 260 -19.45 17.90 -55.38
CA LYS C 260 -19.71 19.01 -56.27
C LYS C 260 -20.51 20.10 -55.56
N PRO C 261 -20.21 21.36 -55.83
CA PRO C 261 -20.79 22.45 -55.05
C PRO C 261 -22.10 22.96 -55.63
N ILE C 262 -22.88 23.60 -54.77
CA ILE C 262 -24.09 24.27 -55.23
C ILE C 262 -23.73 25.41 -56.18
N ASP C 263 -22.66 26.15 -55.88
CA ASP C 263 -22.16 27.20 -56.78
C ASP C 263 -21.42 26.55 -57.95
N LYS C 264 -21.92 26.79 -59.16
CA LYS C 264 -21.30 26.24 -60.36
C LYS C 264 -20.07 27.03 -60.81
N LYS C 265 -19.87 28.23 -60.27
CA LYS C 265 -18.64 28.97 -60.56
C LYS C 265 -17.40 28.31 -59.97
N ALA C 266 -17.58 27.30 -59.08
CA ALA C 266 -16.48 26.59 -58.44
C ALA C 266 -16.36 25.18 -59.01
N PRO C 267 -15.14 24.68 -59.21
CA PRO C 267 -14.98 23.32 -59.72
C PRO C 267 -15.33 22.29 -58.67
N ASP C 268 -15.71 21.10 -59.14
CA ASP C 268 -15.84 19.96 -58.23
C ASP C 268 -14.51 19.70 -57.55
N PHE C 269 -14.57 19.12 -56.36
CA PHE C 269 -13.38 18.61 -55.69
C PHE C 269 -13.34 17.09 -55.81
N VAL C 270 -12.19 16.58 -56.21
CA VAL C 270 -11.98 15.17 -56.48
C VAL C 270 -10.87 14.65 -55.56
N PHE C 271 -11.13 13.55 -54.87
CA PHE C 271 -10.06 12.86 -54.16
C PHE C 271 -10.18 11.36 -54.41
N TYR C 272 -9.11 10.64 -54.10
CA TYR C 272 -9.02 9.22 -54.40
C TYR C 272 -8.80 8.45 -53.11
N ALA C 273 -9.70 7.50 -52.84
CA ALA C 273 -9.59 6.57 -51.74
C ALA C 273 -8.68 5.40 -52.12
N PRO C 274 -8.02 4.77 -51.15
CA PRO C 274 -7.20 3.59 -51.46
C PRO C 274 -8.03 2.37 -51.82
N ARG C 275 -9.23 2.22 -51.26
CA ARG C 275 -10.09 1.07 -51.50
C ARG C 275 -11.54 1.54 -51.60
N LEU C 276 -12.36 0.73 -52.27
CA LEU C 276 -13.76 1.08 -52.42
C LEU C 276 -14.47 1.06 -51.07
N ARG C 277 -14.08 0.13 -50.19
CA ARG C 277 -14.67 0.06 -48.85
C ARG C 277 -14.54 1.38 -48.12
N ILE C 278 -13.39 2.07 -48.28
CA ILE C 278 -13.22 3.37 -47.63
C ILE C 278 -14.27 4.37 -48.13
N ASN C 279 -14.49 4.42 -49.45
CA ASN C 279 -15.40 5.41 -50.00
C ASN C 279 -16.85 5.18 -49.53
N LYS C 280 -17.27 3.92 -49.42
CA LYS C 280 -18.62 3.69 -48.90
C LYS C 280 -18.68 3.96 -47.40
N ARG C 281 -17.56 3.75 -46.69
CA ARG C 281 -17.52 4.18 -45.30
C ARG C 281 -17.71 5.70 -45.23
N ILE C 282 -17.04 6.43 -46.12
CA ILE C 282 -17.14 7.88 -46.09
C ILE C 282 -18.57 8.31 -46.37
N LEU C 283 -19.20 7.68 -47.36
CA LEU C 283 -20.52 8.12 -47.80
C LEU C 283 -21.58 7.80 -46.76
N ALA C 284 -21.52 6.62 -46.16
CA ALA C 284 -22.47 6.30 -45.09
C ALA C 284 -22.37 7.31 -43.95
N LEU C 285 -21.14 7.75 -43.62
CA LEU C 285 -20.97 8.72 -42.54
C LEU C 285 -21.49 10.09 -42.95
N CYS C 286 -21.29 10.47 -44.21
CA CYS C 286 -21.84 11.74 -44.69
C CYS C 286 -23.35 11.73 -44.64
N MET C 287 -23.97 10.66 -45.14
CA MET C 287 -25.42 10.62 -45.22
C MET C 287 -26.02 10.60 -43.82
N GLY C 288 -25.41 9.84 -42.91
CA GLY C 288 -25.89 9.84 -41.54
C GLY C 288 -25.73 11.19 -40.88
N ASN C 289 -24.56 11.81 -41.04
CA ASN C 289 -24.33 13.10 -40.41
C ASN C 289 -25.21 14.19 -41.01
N HIS C 290 -25.33 14.23 -42.35
CA HIS C 290 -26.17 15.24 -42.98
C HIS C 290 -27.62 15.06 -42.53
N GLU C 291 -28.06 13.82 -42.39
CA GLU C 291 -29.43 13.55 -41.96
C GLU C 291 -29.69 14.14 -40.58
N LEU C 292 -28.77 13.94 -39.63
CA LEU C 292 -28.98 14.49 -38.30
C LEU C 292 -28.89 16.01 -38.32
N TYR C 293 -28.02 16.56 -39.16
CA TYR C 293 -27.91 18.01 -39.33
C TYR C 293 -29.25 18.60 -39.76
N MET C 294 -29.87 18.00 -40.78
CA MET C 294 -31.15 18.50 -41.28
C MET C 294 -32.25 18.40 -40.24
N ARG C 295 -32.32 17.27 -39.53
CA ARG C 295 -33.38 17.11 -38.54
C ARG C 295 -33.23 18.10 -37.39
N ARG C 296 -31.99 18.51 -37.07
CA ARG C 296 -31.80 19.54 -36.05
C ARG C 296 -32.44 20.87 -36.46
N ARG C 297 -32.55 21.09 -37.76
CA ARG C 297 -32.99 22.42 -38.22
C ARG C 297 -34.39 22.37 -38.85
N LYS C 298 -35.19 21.36 -38.55
CA LYS C 298 -36.51 21.24 -39.22
C LYS C 298 -37.57 22.06 -38.48
N MET D 3 -17.50 -37.87 -5.37
CA MET D 3 -18.04 -36.92 -4.38
C MET D 3 -16.97 -36.43 -3.38
N PRO D 4 -15.74 -36.03 -3.79
CA PRO D 4 -14.70 -35.61 -2.84
C PRO D 4 -14.90 -34.17 -2.33
N LYS D 5 -14.63 -33.94 -1.04
CA LYS D 5 -14.89 -32.61 -0.43
C LYS D 5 -13.63 -31.96 0.17
N PRO D 6 -12.80 -31.29 -0.64
CA PRO D 6 -11.57 -30.68 -0.15
C PRO D 6 -11.85 -29.45 0.70
N ILE D 7 -10.86 -29.09 1.50
CA ILE D 7 -10.97 -27.99 2.46
C ILE D 7 -9.79 -27.06 2.26
N ASN D 8 -10.07 -25.81 1.94
CA ASN D 8 -9.02 -24.83 1.69
C ASN D 8 -8.41 -24.40 3.01
N VAL D 9 -7.08 -24.40 3.04
CA VAL D 9 -6.35 -23.89 4.20
C VAL D 9 -5.40 -22.80 3.70
N ARG D 10 -4.98 -21.96 4.64
CA ARG D 10 -3.99 -20.92 4.40
C ARG D 10 -3.05 -20.91 5.59
N VAL D 11 -1.76 -21.09 5.32
CA VAL D 11 -0.71 -21.10 6.34
C VAL D 11 0.22 -19.93 6.07
N THR D 12 0.46 -19.13 7.09
CA THR D 12 1.43 -18.04 7.03
C THR D 12 2.66 -18.37 7.88
N THR D 13 3.84 -18.09 7.32
CA THR D 13 5.02 -17.90 8.14
C THR D 13 5.16 -16.41 8.41
N MET D 14 6.30 -16.02 8.99
CA MET D 14 6.57 -14.61 9.27
C MET D 14 6.65 -13.77 8.00
N ASP D 15 7.02 -14.39 6.86
CA ASP D 15 7.18 -13.62 5.63
C ASP D 15 6.64 -14.35 4.39
N ALA D 16 5.78 -15.34 4.56
CA ALA D 16 5.35 -16.11 3.40
C ALA D 16 3.92 -16.60 3.62
N GLU D 17 3.23 -16.82 2.50
CA GLU D 17 1.82 -17.20 2.49
C GLU D 17 1.67 -18.47 1.66
N LEU D 18 1.08 -19.50 2.26
CA LEU D 18 0.82 -20.77 1.58
C LEU D 18 -0.69 -21.04 1.54
N GLU D 19 -1.17 -21.45 0.38
CA GLU D 19 -2.57 -21.83 0.21
C GLU D 19 -2.63 -23.14 -0.57
N PHE D 20 -3.44 -24.08 -0.10
CA PHE D 20 -3.62 -25.36 -0.77
C PHE D 20 -4.82 -26.06 -0.14
N ALA D 21 -5.23 -27.17 -0.76
CA ALA D 21 -6.41 -27.90 -0.35
C ALA D 21 -6.03 -29.12 0.48
N ILE D 22 -6.80 -29.36 1.53
CA ILE D 22 -6.66 -30.55 2.38
C ILE D 22 -7.90 -31.42 2.23
N GLN D 23 -7.84 -32.61 2.79
CA GLN D 23 -8.96 -33.54 2.72
C GLN D 23 -9.59 -33.71 4.10
N PRO D 24 -10.83 -34.23 4.17
CA PRO D 24 -11.45 -34.46 5.49
C PRO D 24 -10.61 -35.31 6.43
N ASN D 25 -9.80 -36.22 5.91
CA ASN D 25 -8.99 -37.11 6.74
C ASN D 25 -7.54 -36.65 6.91
N THR D 26 -7.17 -35.47 6.44
CA THR D 26 -5.79 -35.02 6.58
C THR D 26 -5.45 -34.74 8.04
N THR D 27 -4.38 -35.36 8.52
CA THR D 27 -3.94 -35.10 9.89
C THR D 27 -3.14 -33.81 9.96
N GLY D 28 -3.00 -33.29 11.18
CA GLY D 28 -2.13 -32.13 11.38
C GLY D 28 -0.70 -32.41 10.98
N LYS D 29 -0.22 -33.62 11.24
CA LYS D 29 1.15 -33.96 10.84
C LYS D 29 1.32 -33.88 9.33
N GLN D 30 0.32 -34.33 8.57
CA GLN D 30 0.42 -34.26 7.11
C GLN D 30 0.41 -32.82 6.64
N LEU D 31 -0.45 -31.99 7.23
CA LEU D 31 -0.45 -30.56 6.89
C LEU D 31 0.87 -29.92 7.29
N PHE D 32 1.35 -30.23 8.50
CA PHE D 32 2.65 -29.73 8.93
C PHE D 32 3.77 -30.14 7.97
N ASP D 33 3.77 -31.41 7.52
CA ASP D 33 4.85 -31.85 6.64
C ASP D 33 4.79 -31.19 5.28
N GLN D 34 3.59 -30.91 4.76
CA GLN D 34 3.47 -30.22 3.49
C GLN D 34 3.96 -28.77 3.60
N VAL D 35 3.66 -28.10 4.71
CA VAL D 35 4.14 -26.73 4.89
C VAL D 35 5.67 -26.67 4.89
N VAL D 36 6.31 -27.49 5.74
CA VAL D 36 7.76 -27.41 5.89
C VAL D 36 8.51 -28.00 4.70
N LYS D 37 7.86 -28.80 3.85
CA LYS D 37 8.45 -29.16 2.57
C LYS D 37 8.42 -27.99 1.60
N THR D 38 7.28 -27.29 1.50
CA THR D 38 7.15 -26.16 0.59
C THR D 38 8.16 -25.06 0.89
N VAL D 39 8.50 -24.86 2.17
CA VAL D 39 9.45 -23.82 2.54
C VAL D 39 10.86 -24.34 2.71
N GLY D 40 11.07 -25.66 2.55
CA GLY D 40 12.40 -26.24 2.66
C GLY D 40 13.02 -26.18 4.04
N LEU D 41 12.21 -26.36 5.09
CA LEU D 41 12.70 -26.30 6.47
C LEU D 41 12.87 -27.72 7.02
N ARG D 42 14.07 -28.03 7.50
CA ARG D 42 14.33 -29.34 8.10
C ARG D 42 14.45 -29.29 9.62
N GLU D 43 14.74 -28.14 10.20
CA GLU D 43 14.80 -27.98 11.66
C GLU D 43 13.40 -27.72 12.22
N VAL D 44 12.54 -28.72 12.02
CA VAL D 44 11.11 -28.60 12.28
C VAL D 44 10.72 -28.74 13.74
N TRP D 45 11.60 -29.26 14.61
CA TRP D 45 11.19 -29.57 15.98
C TRP D 45 10.91 -28.33 16.82
N PHE D 46 11.33 -27.14 16.37
CA PHE D 46 11.02 -25.92 17.11
C PHE D 46 9.60 -25.41 16.86
N PHE D 47 8.96 -25.85 15.79
CA PHE D 47 7.83 -25.16 15.21
C PHE D 47 6.52 -25.91 15.43
N GLY D 48 5.44 -25.21 15.16
CA GLY D 48 4.10 -25.78 15.23
C GLY D 48 3.18 -24.91 14.41
N LEU D 49 1.93 -25.35 14.33
CA LEU D 49 0.87 -24.61 13.65
C LEU D 49 -0.12 -24.12 14.68
N GLN D 50 -0.28 -22.81 14.78
CA GLN D 50 -1.25 -22.25 15.69
C GLN D 50 -2.48 -21.80 14.91
N TYR D 51 -3.64 -21.98 15.54
CA TYR D 51 -4.90 -21.61 14.93
C TYR D 51 -5.79 -20.98 15.99
N VAL D 52 -6.97 -20.55 15.56
CA VAL D 52 -7.99 -19.98 16.44
C VAL D 52 -9.21 -20.91 16.40
N ASP D 53 -9.69 -21.29 17.57
CA ASP D 53 -10.88 -22.15 17.67
C ASP D 53 -12.18 -21.34 17.48
N SER D 54 -13.29 -22.07 17.56
CA SER D 54 -14.67 -21.57 17.41
C SER D 54 -14.91 -20.34 18.30
N LYS D 55 -14.27 -20.26 19.47
CA LYS D 55 -14.55 -19.19 20.45
C LYS D 55 -13.40 -18.19 20.54
N GLY D 56 -12.48 -18.20 19.58
CA GLY D 56 -11.43 -17.20 19.50
C GLY D 56 -10.18 -17.47 20.31
N TYR D 57 -10.02 -18.68 20.87
CA TYR D 57 -8.83 -19.02 21.65
C TYR D 57 -7.72 -19.52 20.74
N SER D 58 -6.53 -18.94 20.86
CA SER D 58 -5.38 -19.40 20.10
C SER D 58 -4.88 -20.74 20.62
N THR D 59 -4.61 -21.66 19.69
CA THR D 59 -4.38 -23.05 20.01
C THR D 59 -3.27 -23.59 19.13
N TRP D 60 -2.43 -24.46 19.70
CA TRP D 60 -1.48 -25.22 18.89
C TRP D 60 -2.17 -26.44 18.28
N LEU D 61 -2.03 -26.61 16.98
CA LEU D 61 -2.65 -27.75 16.31
C LEU D 61 -1.98 -29.06 16.74
N LYS D 62 -2.78 -30.03 17.20
CA LYS D 62 -2.24 -31.36 17.47
C LYS D 62 -1.95 -32.06 16.16
N LEU D 63 -0.73 -32.58 16.01
CA LEU D 63 -0.33 -33.20 14.75
C LEU D 63 -0.83 -34.63 14.61
N ASN D 64 -1.10 -35.30 15.73
CA ASN D 64 -1.62 -36.66 15.72
C ASN D 64 -3.13 -36.72 15.54
N LYS D 65 -3.76 -35.61 15.13
CA LYS D 65 -5.22 -35.55 15.00
C LYS D 65 -5.58 -34.90 13.67
N LYS D 66 -6.80 -35.17 13.20
CA LYS D 66 -7.29 -34.59 11.95
C LYS D 66 -7.43 -33.09 12.07
N VAL D 67 -7.04 -32.38 11.01
CA VAL D 67 -7.14 -30.93 11.00
C VAL D 67 -8.57 -30.49 11.24
N THR D 68 -9.53 -31.15 10.60
CA THR D 68 -10.93 -30.76 10.71
C THR D 68 -11.58 -31.25 11.99
N GLN D 69 -10.86 -31.94 12.87
CA GLN D 69 -11.45 -32.46 14.09
C GLN D 69 -10.88 -31.79 15.35
N GLN D 70 -10.47 -30.52 15.23
CA GLN D 70 -9.84 -29.81 16.38
C GLN D 70 -10.54 -28.47 16.67
N ASP D 71 -11.80 -28.30 16.23
CA ASP D 71 -12.61 -27.08 16.48
C ASP D 71 -11.93 -25.83 15.91
N VAL D 72 -11.25 -25.98 14.78
CA VAL D 72 -10.69 -24.80 14.09
C VAL D 72 -11.89 -24.00 13.61
N LYS D 73 -11.74 -22.73 13.26
CA LYS D 73 -12.92 -21.85 12.99
C LYS D 73 -13.62 -21.96 11.64
N LYS D 74 -14.60 -21.13 11.38
CA LYS D 74 -15.40 -21.24 10.14
C LYS D 74 -14.84 -20.32 9.09
N GLU D 75 -14.04 -20.85 8.19
CA GLU D 75 -13.58 -19.86 7.19
C GLU D 75 -13.25 -20.62 5.91
N ASN D 76 -13.68 -20.07 4.77
CA ASN D 76 -13.47 -20.83 3.52
C ASN D 76 -12.01 -21.19 3.62
N PRO D 77 -11.09 -20.20 3.75
CA PRO D 77 -9.73 -20.60 4.00
C PRO D 77 -9.48 -20.79 5.51
N LEU D 78 -9.38 -22.04 5.99
CA LEU D 78 -8.89 -22.16 7.36
C LEU D 78 -7.55 -21.44 7.48
N GLN D 79 -7.33 -20.77 8.62
CA GLN D 79 -6.17 -19.89 8.83
C GLN D 79 -5.22 -20.49 9.87
N PHE D 80 -3.96 -20.68 9.47
CA PHE D 80 -2.93 -21.20 10.38
C PHE D 80 -1.71 -20.29 10.34
N LYS D 81 -1.03 -20.21 11.48
CA LYS D 81 0.25 -19.51 11.58
C LYS D 81 1.34 -20.52 11.90
N PHE D 82 2.34 -20.62 11.02
CA PHE D 82 3.50 -21.46 11.27
C PHE D 82 4.48 -20.65 12.12
N ARG D 83 4.73 -21.10 13.36
CA ARG D 83 5.46 -20.29 14.32
C ARG D 83 6.31 -21.18 15.20
N ALA D 84 7.36 -20.58 15.74
CA ALA D 84 8.21 -21.29 16.68
C ALA D 84 7.50 -21.43 18.02
N LYS D 85 7.44 -22.64 18.53
CA LYS D 85 6.89 -22.94 19.84
C LYS D 85 7.97 -23.13 20.89
N PHE D 86 9.14 -23.61 20.47
CA PHE D 86 10.26 -23.83 21.35
C PHE D 86 11.45 -23.03 20.84
N PHE D 87 12.31 -22.62 21.76
CA PHE D 87 13.41 -21.75 21.39
C PHE D 87 14.74 -22.36 21.80
N PRO D 88 15.75 -22.28 20.94
CA PRO D 88 17.02 -22.95 21.24
C PRO D 88 17.68 -22.35 22.45
N GLU D 89 18.59 -23.13 23.06
CA GLU D 89 19.41 -22.58 24.12
C GLU D 89 20.49 -21.67 23.56
N ASP D 90 20.87 -21.87 22.30
CA ASP D 90 21.90 -21.04 21.67
C ASP D 90 21.70 -21.02 20.17
N VAL D 91 21.35 -19.86 19.63
CA VAL D 91 21.02 -19.77 18.21
C VAL D 91 22.21 -20.13 17.35
N SER D 92 23.42 -19.77 17.78
CA SER D 92 24.63 -20.00 16.99
C SER D 92 24.82 -21.47 16.68
N GLU D 93 24.58 -22.33 17.68
CA GLU D 93 24.80 -23.76 17.53
C GLU D 93 23.62 -24.51 16.92
N GLU D 94 22.39 -23.99 17.06
CA GLU D 94 21.21 -24.78 16.76
C GLU D 94 20.46 -24.37 15.51
N LEU D 95 20.56 -23.10 15.09
CA LEU D 95 19.88 -22.63 13.89
C LEU D 95 20.89 -22.68 12.74
N ILE D 96 20.82 -23.75 11.95
CA ILE D 96 21.79 -24.02 10.88
C ILE D 96 21.29 -23.52 9.54
N GLN D 97 20.03 -23.81 9.20
CA GLN D 97 19.49 -23.36 7.92
C GLN D 97 19.21 -21.86 7.96
N GLU D 98 19.30 -21.23 6.77
CA GLU D 98 19.00 -19.82 6.69
C GLU D 98 17.52 -19.54 6.89
N ILE D 99 16.64 -20.40 6.35
CA ILE D 99 15.20 -20.20 6.56
C ILE D 99 14.86 -20.26 8.05
N THR D 100 15.49 -21.18 8.78
CA THR D 100 15.25 -21.31 10.21
C THR D 100 15.71 -20.05 10.96
N GLN D 101 16.92 -19.58 10.65
CA GLN D 101 17.42 -18.35 11.26
C GLN D 101 16.50 -17.17 10.96
N ARG D 102 16.06 -17.04 9.70
CA ARG D 102 15.24 -15.89 9.35
C ARG D 102 13.90 -15.93 10.08
N LEU D 103 13.27 -17.11 10.14
CA LEU D 103 11.96 -17.19 10.77
C LEU D 103 12.04 -16.86 12.26
N PHE D 104 13.12 -17.30 12.92
CA PHE D 104 13.31 -16.93 14.32
C PHE D 104 13.61 -15.44 14.46
N PHE D 105 14.48 -14.91 13.60
CA PHE D 105 14.77 -13.48 13.63
C PHE D 105 13.49 -12.66 13.54
N LEU D 106 12.66 -12.95 12.54
CA LEU D 106 11.43 -12.19 12.35
C LEU D 106 10.51 -12.33 13.55
N GLN D 107 10.36 -13.55 14.07
CA GLN D 107 9.44 -13.77 15.19
C GLN D 107 9.96 -13.11 16.46
N VAL D 108 11.27 -13.23 16.73
CA VAL D 108 11.84 -12.60 17.92
C VAL D 108 11.76 -11.08 17.80
N LYS D 109 12.05 -10.54 16.61
CA LYS D 109 11.96 -9.09 16.43
C LYS D 109 10.53 -8.61 16.62
N GLU D 110 9.56 -9.34 16.10
CA GLU D 110 8.16 -8.98 16.35
C GLU D 110 7.87 -8.93 17.85
N ALA D 111 8.34 -9.93 18.60
CA ALA D 111 8.10 -9.95 20.05
C ALA D 111 8.72 -8.75 20.75
N ILE D 112 9.94 -8.38 20.38
CA ILE D 112 10.62 -7.28 21.04
C ILE D 112 9.91 -5.96 20.73
N LEU D 113 9.59 -5.75 19.46
CA LEU D 113 8.95 -4.50 19.07
C LEU D 113 7.57 -4.36 19.69
N ASN D 114 6.88 -5.46 19.94
CA ASN D 114 5.59 -5.45 20.61
C ASN D 114 5.72 -5.51 22.13
N ASP D 115 6.91 -5.23 22.67
CA ASP D 115 7.12 -5.04 24.10
C ASP D 115 6.90 -6.31 24.92
N GLU D 116 7.07 -7.49 24.31
CA GLU D 116 6.96 -8.73 25.05
C GLU D 116 8.23 -9.04 25.84
N ILE D 117 9.37 -8.56 25.38
CA ILE D 117 10.64 -8.84 26.03
C ILE D 117 11.23 -7.50 26.46
N TYR D 118 11.34 -7.29 27.77
CA TYR D 118 11.94 -6.05 28.23
C TYR D 118 13.36 -5.92 27.68
N CYS D 119 13.69 -4.73 27.20
CA CYS D 119 14.94 -4.55 26.50
C CYS D 119 15.56 -3.20 26.85
N PRO D 120 16.75 -3.17 27.47
CA PRO D 120 17.34 -1.89 27.85
C PRO D 120 17.54 -1.01 26.64
N PRO D 121 17.42 0.33 26.81
CA PRO D 121 17.43 1.22 25.64
C PRO D 121 18.66 1.09 24.75
N GLU D 122 19.85 0.91 25.33
CA GLU D 122 21.04 0.74 24.51
C GLU D 122 21.02 -0.60 23.79
N THR D 123 20.46 -1.65 24.40
CA THR D 123 20.34 -2.91 23.68
C THR D 123 19.33 -2.78 22.55
N ALA D 124 18.24 -2.06 22.79
CA ALA D 124 17.20 -1.90 21.77
C ALA D 124 17.76 -1.22 20.52
N VAL D 125 18.56 -0.16 20.67
CA VAL D 125 19.08 0.53 19.49
C VAL D 125 20.09 -0.36 18.76
N LEU D 126 20.88 -1.14 19.52
CA LEU D 126 21.81 -2.05 18.85
C LEU D 126 21.07 -3.15 18.10
N LEU D 127 19.98 -3.65 18.70
CA LEU D 127 19.12 -4.60 17.99
C LEU D 127 18.57 -3.99 16.71
N ALA D 128 18.00 -2.78 16.81
CA ALA D 128 17.42 -2.14 15.63
C ALA D 128 18.46 -1.92 14.53
N SER D 129 19.71 -1.67 14.89
CA SER D 129 20.74 -1.42 13.88
C SER D 129 21.09 -2.69 13.12
N TYR D 130 21.11 -3.84 13.80
CA TYR D 130 21.27 -5.10 13.08
C TYR D 130 20.05 -5.40 12.21
N ALA D 131 18.84 -5.03 12.64
CA ALA D 131 17.67 -5.16 11.78
C ALA D 131 17.73 -4.20 10.61
N VAL D 132 18.34 -3.03 10.82
CA VAL D 132 18.56 -2.10 9.73
C VAL D 132 19.54 -2.69 8.72
N GLN D 133 20.69 -3.15 9.20
CA GLN D 133 21.69 -3.72 8.31
C GLN D 133 21.11 -4.88 7.51
N ALA D 134 20.25 -5.69 8.15
CA ALA D 134 19.67 -6.82 7.44
C ALA D 134 18.72 -6.36 6.34
N LYS D 135 17.94 -5.30 6.60
CA LYS D 135 16.95 -4.87 5.63
C LYS D 135 17.56 -4.04 4.50
N TYR D 136 18.47 -3.13 4.83
CA TYR D 136 19.02 -2.19 3.86
C TYR D 136 20.37 -2.61 3.29
N GLY D 137 21.11 -3.46 3.98
CA GLY D 137 22.47 -3.69 3.58
C GLY D 137 23.36 -2.55 4.08
N ASP D 138 24.54 -2.46 3.48
CA ASP D 138 25.52 -1.45 3.89
C ASP D 138 24.94 -0.05 3.80
N TYR D 139 25.09 0.72 4.86
CA TYR D 139 24.74 2.13 4.81
C TYR D 139 25.59 2.84 3.76
N ASN D 140 24.96 3.72 2.99
CA ASN D 140 25.64 4.47 1.95
C ASN D 140 24.95 5.81 1.74
N LYS D 141 25.75 6.86 1.81
CA LYS D 141 25.26 8.24 1.72
C LYS D 141 24.49 8.48 0.44
N GLU D 142 24.95 7.88 -0.67
CA GLU D 142 24.28 8.07 -1.94
C GLU D 142 23.01 7.26 -2.08
N ILE D 143 22.75 6.33 -1.15
CA ILE D 143 21.51 5.58 -1.10
C ILE D 143 20.62 6.04 0.04
N HIS D 144 21.16 6.06 1.26
CA HIS D 144 20.37 6.30 2.46
C HIS D 144 20.50 7.78 2.83
N LYS D 145 19.64 8.60 2.24
CA LYS D 145 19.59 10.01 2.56
C LYS D 145 19.08 10.22 3.99
N PRO D 146 19.42 11.35 4.62
CA PRO D 146 18.98 11.58 6.00
C PRO D 146 17.46 11.44 6.14
N GLY D 147 17.04 10.76 7.20
CA GLY D 147 15.64 10.43 7.35
C GLY D 147 15.21 9.17 6.61
N TYR D 148 16.17 8.31 6.22
CA TYR D 148 15.81 7.06 5.55
C TYR D 148 15.18 6.07 6.52
N LEU D 149 15.38 6.25 7.83
CA LEU D 149 14.78 5.41 8.85
C LEU D 149 13.48 5.98 9.40
N ALA D 150 12.98 7.08 8.83
CA ALA D 150 11.84 7.79 9.40
C ALA D 150 10.59 6.92 9.43
N ASN D 151 10.38 6.11 8.39
CA ASN D 151 9.18 5.30 8.26
C ASN D 151 9.37 3.87 8.72
N ASP D 152 10.47 3.56 9.40
CA ASP D 152 10.73 2.22 9.89
C ASP D 152 10.32 2.10 11.36
N ARG D 153 9.67 1.00 11.70
CA ARG D 153 9.39 0.67 13.09
C ARG D 153 10.64 0.04 13.69
N LEU D 154 11.33 0.78 14.56
CA LEU D 154 12.66 0.38 14.99
C LEU D 154 12.76 0.00 16.46
N LEU D 155 11.94 0.59 17.33
CA LEU D 155 12.14 0.45 18.75
C LEU D 155 10.84 0.04 19.43
N PRO D 156 10.94 -0.68 20.54
CA PRO D 156 9.73 -0.98 21.32
C PRO D 156 9.21 0.28 21.99
N GLN D 157 7.88 0.36 22.07
CA GLN D 157 7.25 1.58 22.56
C GLN D 157 7.59 1.87 24.01
N ARG D 158 7.76 0.84 24.84
CA ARG D 158 8.11 1.07 26.23
C ARG D 158 9.54 1.60 26.38
N VAL D 159 10.41 1.34 25.42
CA VAL D 159 11.73 1.97 25.41
C VAL D 159 11.59 3.45 25.12
N LEU D 160 10.80 3.80 24.10
CA LEU D 160 10.56 5.21 23.79
C LEU D 160 9.97 5.95 24.98
N GLU D 161 9.29 5.24 25.87
CA GLU D 161 8.70 5.83 27.05
C GLU D 161 9.75 6.22 28.13
N GLN D 162 11.05 6.15 27.86
CA GLN D 162 12.02 7.03 28.54
C GLN D 162 12.33 8.16 27.54
N HIS D 163 11.39 9.09 27.44
CA HIS D 163 11.40 10.04 26.32
C HIS D 163 12.49 11.03 26.74
N LYS D 164 13.74 10.57 26.87
CA LYS D 164 14.90 11.45 26.97
C LYS D 164 15.41 11.92 25.60
N LEU D 165 15.07 11.21 24.53
CA LEU D 165 15.52 11.54 23.19
C LEU D 165 14.32 11.76 22.28
N THR D 166 14.52 12.58 21.26
CA THR D 166 13.48 12.79 20.27
C THR D 166 13.53 11.68 19.22
N LYS D 167 12.53 11.69 18.33
CA LYS D 167 12.47 10.72 17.26
C LYS D 167 13.78 10.69 16.48
N GLU D 168 14.33 11.86 16.16
CA GLU D 168 15.43 11.92 15.22
C GLU D 168 16.77 11.63 15.88
N GLN D 169 16.89 11.84 17.19
CA GLN D 169 18.08 11.37 17.88
C GLN D 169 18.08 9.85 18.00
N TRP D 170 16.90 9.26 18.26
CA TRP D 170 16.76 7.81 18.21
C TRP D 170 17.29 7.25 16.90
N GLU D 171 16.74 7.73 15.79
CA GLU D 171 17.14 7.24 14.47
C GLU D 171 18.61 7.49 14.20
N GLU D 172 19.16 8.61 14.66
CA GLU D 172 20.55 8.92 14.33
C GLU D 172 21.51 8.02 15.10
N ARG D 173 21.20 7.69 16.36
CA ARG D 173 22.02 6.72 17.07
C ARG D 173 21.95 5.35 16.42
N ILE D 174 20.79 5.00 15.85
CA ILE D 174 20.68 3.75 15.11
C ILE D 174 21.53 3.80 13.85
N GLN D 175 21.48 4.91 13.12
CA GLN D 175 22.30 5.05 11.92
C GLN D 175 23.78 4.93 12.25
N ASN D 176 24.21 5.54 13.36
CA ASN D 176 25.62 5.45 13.75
C ASN D 176 26.05 4.00 13.91
N TRP D 177 25.21 3.18 14.56
CA TRP D 177 25.51 1.76 14.66
C TRP D 177 25.40 1.07 13.31
N HIS D 178 24.44 1.50 12.47
CA HIS D 178 24.31 0.93 11.14
C HIS D 178 25.59 1.08 10.34
N GLU D 179 26.21 2.27 10.40
CA GLU D 179 27.47 2.49 9.71
C GLU D 179 28.55 1.54 10.22
N GLU D 180 28.52 1.23 11.52
CA GLU D 180 29.53 0.36 12.11
C GLU D 180 29.46 -1.07 11.56
N HIS D 181 28.34 -1.46 10.95
CA HIS D 181 28.15 -2.82 10.44
C HIS D 181 28.54 -2.96 8.96
N ARG D 182 29.45 -2.12 8.47
CA ARG D 182 29.70 -2.03 7.02
C ARG D 182 29.99 -3.39 6.38
N GLY D 183 30.67 -4.30 7.07
CA GLY D 183 30.95 -5.57 6.41
C GLY D 183 29.87 -6.63 6.46
N MET D 184 28.76 -6.39 7.16
CA MET D 184 27.91 -7.48 7.63
C MET D 184 26.94 -7.96 6.57
N LEU D 185 27.04 -9.25 6.23
CA LEU D 185 26.06 -9.87 5.35
C LEU D 185 24.70 -9.97 6.04
N ARG D 186 23.65 -9.99 5.21
CA ARG D 186 22.29 -9.96 5.72
C ARG D 186 22.03 -11.12 6.68
N GLU D 187 22.50 -12.32 6.35
CA GLU D 187 22.25 -13.48 7.20
C GLU D 187 23.01 -13.37 8.52
N ASP D 188 24.22 -12.80 8.48
CA ASP D 188 25.00 -12.65 9.70
C ASP D 188 24.40 -11.62 10.64
N SER D 189 23.85 -10.53 10.07
CA SER D 189 23.26 -9.49 10.91
C SER D 189 22.05 -10.02 11.68
N MET D 190 21.25 -10.88 11.04
CA MET D 190 20.08 -11.43 11.74
C MET D 190 20.49 -12.38 12.85
N MET D 191 21.63 -13.07 12.71
CA MET D 191 22.13 -13.91 13.78
C MET D 191 22.71 -13.09 14.93
N GLU D 192 23.42 -11.99 14.62
CA GLU D 192 23.87 -11.10 15.68
C GLU D 192 22.68 -10.52 16.44
N TYR D 193 21.62 -10.16 15.71
CA TYR D 193 20.39 -9.77 16.37
C TYR D 193 19.95 -10.86 17.35
N LEU D 194 19.80 -12.10 16.87
CA LEU D 194 19.37 -13.19 17.74
C LEU D 194 20.34 -13.41 18.89
N LYS D 195 21.65 -13.28 18.63
CA LYS D 195 22.62 -13.50 19.70
C LYS D 195 22.45 -12.49 20.82
N ILE D 196 22.07 -11.25 20.48
CA ILE D 196 21.76 -10.25 21.50
C ILE D 196 20.46 -10.60 22.22
N ALA D 197 19.42 -10.88 21.45
CA ALA D 197 18.09 -11.03 22.04
C ALA D 197 18.02 -12.23 22.98
N GLN D 198 18.74 -13.31 22.66
CA GLN D 198 18.59 -14.54 23.45
C GLN D 198 19.17 -14.41 24.85
N ASP D 199 20.02 -13.41 25.11
CA ASP D 199 20.51 -13.17 26.46
C ASP D 199 19.57 -12.31 27.30
N LEU D 200 18.59 -11.68 26.69
CA LEU D 200 17.60 -10.93 27.46
C LEU D 200 16.85 -11.85 28.41
N GLU D 201 16.56 -11.33 29.61
CA GLU D 201 15.98 -12.14 30.69
C GLU D 201 14.64 -12.77 30.29
N MET D 202 13.77 -12.03 29.58
CA MET D 202 12.45 -12.54 29.26
C MET D 202 12.40 -13.32 27.95
N TYR D 203 13.52 -13.42 27.25
CA TYR D 203 13.57 -14.11 25.97
C TYR D 203 13.26 -15.58 26.18
N GLY D 204 12.38 -16.10 25.34
CA GLY D 204 12.09 -17.52 25.35
C GLY D 204 11.33 -18.01 26.55
N VAL D 205 10.73 -17.12 27.33
CA VAL D 205 9.95 -17.50 28.50
C VAL D 205 8.47 -17.42 28.15
N ASN D 206 7.74 -18.51 28.41
CA ASN D 206 6.28 -18.55 28.33
C ASN D 206 5.70 -18.24 29.69
N TYR D 207 4.95 -17.14 29.78
CA TYR D 207 4.46 -16.59 31.04
C TYR D 207 3.00 -16.94 31.25
N PHE D 208 2.66 -17.36 32.47
CA PHE D 208 1.27 -17.64 32.83
C PHE D 208 0.96 -17.00 34.17
N GLU D 209 -0.22 -16.38 34.28
CA GLU D 209 -0.67 -15.79 35.53
C GLU D 209 -1.24 -16.90 36.42
N ILE D 210 -0.78 -16.93 37.67
CA ILE D 210 -1.11 -18.01 38.60
C ILE D 210 -1.18 -17.40 39.99
N LYS D 211 -1.56 -18.24 40.96
CA LYS D 211 -1.58 -17.88 42.37
C LYS D 211 -1.06 -19.06 43.19
N ASN D 212 -0.57 -18.76 44.39
CA ASN D 212 -0.21 -19.82 45.32
C ASN D 212 -1.41 -20.16 46.21
N LYS D 213 -1.20 -21.07 47.16
CA LYS D 213 -2.30 -21.48 48.04
C LYS D 213 -2.84 -20.30 48.83
N LYS D 214 -1.97 -19.40 49.28
CA LYS D 214 -2.43 -18.22 50.03
C LYS D 214 -3.26 -17.29 49.16
N GLY D 215 -3.07 -17.33 47.85
CA GLY D 215 -3.78 -16.46 46.94
C GLY D 215 -2.97 -15.30 46.38
N THR D 216 -1.67 -15.25 46.64
CA THR D 216 -0.81 -14.24 46.05
C THR D 216 -0.68 -14.47 44.55
N GLU D 217 -0.81 -13.40 43.77
CA GLU D 217 -0.68 -13.49 42.31
C GLU D 217 0.79 -13.58 41.94
N LEU D 218 1.12 -14.56 41.11
CA LEU D 218 2.50 -14.79 40.69
C LEU D 218 2.51 -15.02 39.18
N TRP D 219 3.71 -15.01 38.62
CA TRP D 219 3.92 -15.44 37.24
C TRP D 219 4.65 -16.78 37.25
N LEU D 220 4.22 -17.66 36.36
CA LEU D 220 4.89 -18.91 36.07
C LEU D 220 5.59 -18.76 34.73
N GLY D 221 6.87 -19.11 34.67
CA GLY D 221 7.63 -19.11 33.43
C GLY D 221 8.02 -20.53 33.06
N VAL D 222 7.89 -20.85 31.77
CA VAL D 222 8.39 -22.10 31.19
C VAL D 222 9.35 -21.73 30.08
N ASP D 223 10.57 -22.26 30.13
CA ASP D 223 11.54 -21.99 29.08
C ASP D 223 12.32 -23.26 28.79
N ALA D 224 13.34 -23.14 27.95
CA ALA D 224 14.11 -24.29 27.53
C ALA D 224 14.78 -24.98 28.70
N LEU D 225 15.03 -24.27 29.80
CA LEU D 225 15.82 -24.78 30.91
C LEU D 225 14.98 -25.26 32.09
N GLY D 226 13.69 -25.01 32.10
CA GLY D 226 12.91 -25.40 33.27
C GLY D 226 11.77 -24.43 33.49
N LEU D 227 11.33 -24.36 34.75
CA LEU D 227 10.26 -23.47 35.17
C LEU D 227 10.83 -22.45 36.14
N ASN D 228 10.09 -21.35 36.28
CA ASN D 228 10.46 -20.26 37.19
C ASN D 228 9.19 -19.63 37.73
N ILE D 229 9.27 -19.20 39.00
CA ILE D 229 8.24 -18.40 39.64
C ILE D 229 8.75 -16.96 39.75
N TYR D 230 7.92 -16.00 39.32
CA TYR D 230 8.20 -14.58 39.41
C TYR D 230 7.13 -13.89 40.24
N GLU D 231 7.53 -12.84 40.95
CA GLU D 231 6.55 -12.01 41.62
C GLU D 231 5.77 -11.20 40.60
N HIS D 232 4.54 -10.81 40.97
CA HIS D 232 3.61 -10.21 40.01
C HIS D 232 4.21 -9.00 39.30
N ASP D 233 5.03 -8.20 40.00
CA ASP D 233 5.58 -6.98 39.46
C ASP D 233 7.00 -7.13 38.90
N ASP D 234 7.50 -8.35 38.71
CA ASP D 234 8.86 -8.51 38.17
C ASP D 234 8.91 -9.79 37.34
N LYS D 235 8.68 -9.65 36.02
CA LYS D 235 8.79 -10.76 35.09
C LYS D 235 10.21 -10.96 34.57
N LEU D 236 11.16 -10.15 35.03
CA LEU D 236 12.54 -10.23 34.55
C LEU D 236 13.33 -11.32 35.28
N THR D 237 13.25 -11.34 36.60
CA THR D 237 14.16 -12.11 37.44
C THR D 237 13.39 -13.09 38.31
N PRO D 238 13.59 -14.40 38.16
CA PRO D 238 12.87 -15.37 38.98
C PRO D 238 13.09 -15.15 40.47
N LYS D 239 12.04 -15.41 41.24
CA LYS D 239 12.19 -15.51 42.68
C LYS D 239 12.47 -16.95 43.11
N ILE D 240 11.92 -17.93 42.40
CA ILE D 240 12.20 -19.34 42.63
C ILE D 240 12.44 -19.98 41.28
N GLY D 241 13.51 -20.75 41.15
CA GLY D 241 13.84 -21.43 39.92
C GLY D 241 13.61 -22.93 40.04
N PHE D 242 13.25 -23.58 38.94
CA PHE D 242 13.03 -25.03 38.90
C PHE D 242 13.73 -25.61 37.67
N PRO D 243 15.05 -25.80 37.75
CA PRO D 243 15.76 -26.47 36.65
C PRO D 243 15.27 -27.91 36.48
N TRP D 244 15.26 -28.37 35.22
CA TRP D 244 14.83 -29.74 34.94
C TRP D 244 15.49 -30.75 35.88
N SER D 245 16.82 -30.63 36.06
CA SER D 245 17.60 -31.58 36.86
C SER D 245 17.14 -31.70 38.30
N GLU D 246 16.44 -30.70 38.83
CA GLU D 246 15.94 -30.77 40.20
C GLU D 246 14.52 -31.30 40.30
N ILE D 247 13.85 -31.49 39.16
CA ILE D 247 12.43 -31.83 39.13
C ILE D 247 12.27 -33.33 38.89
N ARG D 248 11.49 -33.98 39.75
CA ARG D 248 11.16 -35.39 39.62
C ARG D 248 9.86 -35.62 38.84
N ASN D 249 8.85 -34.76 39.04
CA ASN D 249 7.52 -34.98 38.49
C ASN D 249 6.73 -33.67 38.48
N ILE D 250 6.07 -33.37 37.37
CA ILE D 250 5.09 -32.30 37.31
C ILE D 250 3.73 -32.89 36.97
N SER D 251 2.69 -32.37 37.61
CA SER D 251 1.35 -32.90 37.40
C SER D 251 0.33 -31.81 37.71
N PHE D 252 -0.89 -32.01 37.21
CA PHE D 252 -1.98 -31.11 37.54
C PHE D 252 -3.28 -31.89 37.63
N ASN D 253 -4.17 -31.42 38.49
CA ASN D 253 -5.52 -31.93 38.57
C ASN D 253 -6.45 -30.73 38.54
N ASP D 254 -7.13 -30.55 37.41
CA ASP D 254 -8.00 -29.38 37.18
C ASP D 254 -7.12 -28.14 37.32
N LYS D 255 -7.35 -27.26 38.30
CA LYS D 255 -6.62 -26.01 38.40
C LYS D 255 -5.36 -26.11 39.27
N LYS D 256 -5.18 -27.21 40.01
CA LYS D 256 -4.06 -27.36 40.92
C LYS D 256 -2.87 -28.02 40.19
N PHE D 257 -1.75 -27.30 40.14
CA PHE D 257 -0.52 -27.78 39.53
C PHE D 257 0.51 -28.02 40.63
N VAL D 258 1.27 -29.12 40.52
CA VAL D 258 2.25 -29.50 41.53
C VAL D 258 3.58 -29.79 40.86
N ILE D 259 4.65 -29.21 41.40
CA ILE D 259 6.02 -29.50 40.96
C ILE D 259 6.71 -30.26 42.09
N LYS D 260 7.18 -31.47 41.79
CA LYS D 260 7.80 -32.28 42.83
C LYS D 260 9.31 -32.38 42.60
N PRO D 261 10.09 -32.26 43.66
CA PRO D 261 11.55 -32.28 43.51
C PRO D 261 12.16 -33.67 43.65
N ILE D 262 13.29 -33.85 42.96
CA ILE D 262 14.12 -35.04 43.19
C ILE D 262 14.58 -35.09 44.64
N ASP D 263 15.05 -33.96 45.17
CA ASP D 263 15.44 -33.88 46.58
C ASP D 263 14.21 -34.00 47.46
N LYS D 264 14.08 -35.12 48.17
CA LYS D 264 12.90 -35.33 49.01
C LYS D 264 12.88 -34.42 50.22
N LYS D 265 14.03 -33.88 50.63
CA LYS D 265 14.05 -32.91 51.71
C LYS D 265 13.46 -31.56 51.30
N ALA D 266 13.29 -31.32 49.99
CA ALA D 266 12.68 -30.10 49.49
C ALA D 266 11.16 -30.26 49.40
N PRO D 267 10.39 -29.21 49.70
CA PRO D 267 8.94 -29.32 49.59
C PRO D 267 8.46 -29.13 48.16
N ASP D 268 7.39 -29.85 47.83
CA ASP D 268 6.70 -29.65 46.56
C ASP D 268 6.26 -28.20 46.44
N PHE D 269 6.23 -27.70 45.21
CA PHE D 269 5.67 -26.39 44.93
C PHE D 269 4.29 -26.53 44.30
N VAL D 270 3.31 -25.85 44.89
CA VAL D 270 1.91 -25.94 44.47
C VAL D 270 1.47 -24.56 43.99
N PHE D 271 0.85 -24.50 42.82
CA PHE D 271 0.17 -23.29 42.40
C PHE D 271 -1.16 -23.64 41.73
N TYR D 272 -1.99 -22.61 41.55
CA TYR D 272 -3.33 -22.77 41.00
C TYR D 272 -3.46 -21.92 39.75
N ALA D 273 -3.88 -22.55 38.66
CA ALA D 273 -4.16 -21.83 37.43
C ALA D 273 -5.60 -21.35 37.43
N PRO D 274 -5.96 -20.41 36.55
CA PRO D 274 -7.37 -19.97 36.50
C PRO D 274 -8.28 -20.95 35.78
N ARG D 275 -7.77 -21.61 34.74
CA ARG D 275 -8.55 -22.56 33.95
C ARG D 275 -7.76 -23.83 33.70
N LEU D 276 -8.49 -24.93 33.47
CA LEU D 276 -7.85 -26.19 33.11
C LEU D 276 -6.99 -26.04 31.87
N ARG D 277 -7.49 -25.32 30.87
CA ARG D 277 -6.75 -25.11 29.62
C ARG D 277 -5.37 -24.52 29.89
N ILE D 278 -5.24 -23.62 30.88
CA ILE D 278 -3.95 -23.03 31.20
C ILE D 278 -2.97 -24.10 31.66
N ASN D 279 -3.40 -24.96 32.60
CA ASN D 279 -2.53 -26.01 33.09
C ASN D 279 -2.18 -27.00 31.98
N LYS D 280 -3.09 -27.25 31.04
CA LYS D 280 -2.76 -28.10 29.91
C LYS D 280 -1.70 -27.44 29.03
N ARG D 281 -1.79 -26.13 28.82
CA ARG D 281 -0.80 -25.45 28.02
C ARG D 281 0.55 -25.47 28.71
N ILE D 282 0.55 -25.26 30.02
CA ILE D 282 1.81 -25.28 30.77
C ILE D 282 2.48 -26.64 30.64
N LEU D 283 1.69 -27.71 30.79
CA LEU D 283 2.28 -29.05 30.71
C LEU D 283 2.79 -29.37 29.31
N ALA D 284 2.02 -29.02 28.28
CA ALA D 284 2.54 -29.27 26.93
C ALA D 284 3.87 -28.55 26.71
N LEU D 285 4.00 -27.32 27.20
CA LEU D 285 5.26 -26.62 26.98
C LEU D 285 6.38 -27.21 27.83
N CYS D 286 6.03 -27.72 29.01
CA CYS D 286 7.03 -28.34 29.87
C CYS D 286 7.58 -29.61 29.25
N MET D 287 6.69 -30.48 28.76
CA MET D 287 7.14 -31.75 28.18
C MET D 287 7.93 -31.51 26.90
N GLY D 288 7.49 -30.55 26.07
CA GLY D 288 8.23 -30.27 24.86
C GLY D 288 9.60 -29.67 25.13
N ASN D 289 9.70 -28.78 26.11
CA ASN D 289 11.01 -28.19 26.37
C ASN D 289 11.95 -29.20 27.00
N HIS D 290 11.47 -29.97 27.97
CA HIS D 290 12.31 -30.99 28.61
C HIS D 290 12.82 -32.01 27.59
N GLU D 291 11.99 -32.37 26.61
CA GLU D 291 12.45 -33.34 25.62
C GLU D 291 13.57 -32.75 24.76
N LEU D 292 13.40 -31.50 24.31
CA LEU D 292 14.47 -30.88 23.52
C LEU D 292 15.72 -30.68 24.37
N TYR D 293 15.54 -30.35 25.65
CA TYR D 293 16.67 -30.22 26.56
C TYR D 293 17.45 -31.52 26.62
N MET D 294 16.74 -32.63 26.80
CA MET D 294 17.40 -33.93 26.89
C MET D 294 18.07 -34.30 25.58
N ARG D 295 17.44 -34.03 24.44
CA ARG D 295 18.03 -34.42 23.17
C ARG D 295 19.35 -33.71 22.92
N ARG D 296 19.46 -32.45 23.37
CA ARG D 296 20.72 -31.72 23.22
C ARG D 296 21.85 -32.38 24.02
N ARG D 297 21.49 -33.08 25.08
CA ARG D 297 22.51 -33.61 26.02
C ARG D 297 22.77 -35.11 25.82
N LYS D 298 22.40 -35.64 24.67
CA LYS D 298 22.67 -37.05 24.36
C LYS D 298 23.95 -37.12 23.53
N ARG E 2 -17.73 -1.45 -64.09
CA ARG E 2 -18.69 -0.51 -63.51
C ARG E 2 -19.78 -1.29 -62.78
N CYS E 3 -19.69 -2.62 -62.81
CA CYS E 3 -20.74 -3.47 -62.19
C CYS E 3 -20.26 -3.94 -60.82
N CYS E 4 -21.18 -4.15 -59.87
CA CYS E 4 -20.89 -4.46 -58.45
C CYS E 4 -21.34 -3.22 -57.68
N ASP E 5 -21.38 -3.26 -56.36
CA ASP E 5 -21.74 -2.00 -55.67
C ASP E 5 -20.52 -1.08 -55.77
N ARG E 6 -20.28 -0.52 -56.96
CA ARG E 6 -19.07 0.30 -57.18
C ARG E 6 -19.42 1.78 -57.29
N TYR E 7 -20.70 2.12 -57.39
CA TYR E 7 -21.04 3.55 -57.58
C TYR E 7 -22.20 3.94 -56.67
N GLU E 8 -22.14 5.15 -56.12
CA GLU E 8 -23.23 5.62 -55.29
C GLU E 8 -23.20 7.14 -55.24
N GLU E 9 -24.38 7.75 -55.11
CA GLU E 9 -24.51 9.18 -54.95
C GLU E 9 -25.54 9.46 -53.87
N TYR E 10 -25.48 10.69 -53.39
CA TYR E 10 -26.41 11.19 -52.36
C TYR E 10 -26.59 12.67 -52.69
N ASP E 11 -27.81 13.09 -52.94
CA ASP E 11 -28.00 14.49 -53.36
C ASP E 11 -28.45 15.25 -52.12
N LEU E 12 -27.95 16.47 -51.96
CA LEU E 12 -28.36 17.32 -50.82
C LEU E 12 -29.41 18.32 -51.30
N ARG F 6 -9.63 -32.43 34.45
CA ARG F 6 -9.03 -33.75 34.56
C ARG F 6 -7.58 -33.68 35.09
N TYR F 7 -6.88 -34.80 35.04
CA TYR F 7 -5.58 -34.95 35.66
C TYR F 7 -4.55 -35.42 34.63
N GLU F 8 -3.36 -34.81 34.67
CA GLU F 8 -2.28 -35.22 33.80
C GLU F 8 -0.97 -35.17 34.57
N GLU F 9 -0.02 -35.99 34.15
CA GLU F 9 1.24 -36.16 34.88
C GLU F 9 2.36 -36.46 33.89
N TYR F 10 3.54 -35.92 34.17
CA TYR F 10 4.73 -36.14 33.36
C TYR F 10 5.90 -36.42 34.29
N ASP F 11 6.44 -37.64 34.20
CA ASP F 11 7.54 -38.05 35.06
C ASP F 11 8.86 -37.80 34.36
N LEU F 12 9.79 -37.18 35.07
CA LEU F 12 11.12 -36.90 34.55
C LEU F 12 12.10 -37.98 34.99
N ARG G 6 -17.78 16.00 20.46
CA ARG G 6 -16.44 15.46 20.71
C ARG G 6 -16.22 14.14 19.97
N TYR G 7 -14.95 13.79 19.76
CA TYR G 7 -14.55 12.66 18.94
C TYR G 7 -13.76 11.69 19.78
N GLU G 8 -13.98 10.40 19.55
CA GLU G 8 -13.23 9.38 20.27
C GLU G 8 -13.02 8.19 19.34
N GLU G 9 -11.95 7.45 19.60
CA GLU G 9 -11.57 6.33 18.75
C GLU G 9 -11.01 5.23 19.64
N TYR G 10 -11.17 3.98 19.19
CA TYR G 10 -10.66 2.82 19.89
C TYR G 10 -10.19 1.81 18.86
N ASP G 11 -8.89 1.53 18.87
CA ASP G 11 -8.30 0.58 17.94
C ASP G 11 -8.29 -0.80 18.56
N LEU G 12 -8.62 -1.81 17.75
CA LEU G 12 -8.70 -3.18 18.24
C LEU G 12 -7.48 -3.99 17.78
N ARG H 6 43.69 37.09 -33.09
CA ARG H 6 44.92 37.12 -33.87
C ARG H 6 45.21 35.77 -34.54
N TYR H 7 46.46 35.32 -34.49
CA TYR H 7 46.90 34.19 -35.29
C TYR H 7 47.80 33.28 -34.47
N GLU H 8 47.59 31.96 -34.61
CA GLU H 8 48.51 30.98 -34.02
C GLU H 8 48.71 29.81 -34.96
N GLU H 9 49.74 29.00 -34.66
CA GLU H 9 50.09 27.82 -35.48
C GLU H 9 50.65 26.74 -34.53
N TYR H 10 50.48 25.47 -34.93
CA TYR H 10 51.07 24.32 -34.24
C TYR H 10 51.55 23.47 -35.43
N ASP H 11 52.80 23.03 -35.41
CA ASP H 11 53.35 22.36 -36.62
C ASP H 11 53.40 20.84 -36.55
N LEU H 12 53.25 20.22 -35.41
CA LEU H 12 53.22 18.73 -35.43
C LEU H 12 54.51 18.18 -36.04
#